data_4GW5
#
_entry.id   4GW5
#
_cell.length_a   64.160
_cell.length_b   82.520
_cell.length_c   211.880
_cell.angle_alpha   90.00
_cell.angle_beta   90.00
_cell.angle_gamma   90.00
#
_symmetry.space_group_name_H-M   'P 21 21 21'
#
loop_
_entity.id
_entity.type
_entity.pdbx_description
1 polymer 'Fab Light Chain'
2 polymer 'Fab Heavy Chain'
3 polymer 'cQYN meditope'
4 non-polymer 'PHOSPHATE ION'
5 water water
#
loop_
_entity_poly.entity_id
_entity_poly.type
_entity_poly.pdbx_seq_one_letter_code
_entity_poly.pdbx_strand_id
1 'polypeptide(L)'
;DILLTQSPVILSVSPGERVSFSCRASQSIGTNIHWYQQRTNGSPRLLIKYASESISGIPSRFSGSGSGTDFTLSINSVES
EDIADYYCQQNNNWPTTFGAGTKLELKRTVAAPSVFIFPPSDEQLKSGTASVVCLLNNFYPREAKVQWKVDNALQSGNSQ
ESVTEQDSKDSTYSLSSTLTLSKADYEKHKVYACEVTHQGLSSPVTKSFNRGEC
;
A,C
2 'polypeptide(L)'
;QVQLKQSGPGLVQPSQSLSITCTVSGFSLTNYGVHWVRQSPGKGLEWLGVIWSGGNTDYNTPFTSRLSINKDNSKSQVFF
KMNSLQSNDTAIYYCARALTYYDYEFAYWGQGTLVTVSAASTKGPSVFPLAPSSKSTSGGTAALGCLVKDYFPEPVTVSW
NSGALTSGVHTFPAVLQSSGLYSLSSVVTVPSSSLGTQTYICNVNHKPSNTKVDKRVEPKS
;
B,D
3 'polypeptide(L)' CQYNLSSRALKC E,F
#
loop_
_chem_comp.id
_chem_comp.type
_chem_comp.name
_chem_comp.formula
PO4 non-polymer 'PHOSPHATE ION' 'O4 P -3'
#
# COMPACT_ATOMS: atom_id res chain seq x y z
N ASP A 1 5.11 5.51 31.59
CA ASP A 1 3.90 5.47 30.77
C ASP A 1 3.89 4.26 29.84
N ILE A 2 2.70 3.75 29.55
CA ILE A 2 2.57 2.63 28.63
C ILE A 2 2.71 3.09 27.19
N LEU A 3 3.57 2.42 26.44
CA LEU A 3 3.72 2.69 25.02
C LEU A 3 2.84 1.75 24.21
N LEU A 4 1.96 2.29 23.38
CA LEU A 4 1.15 1.48 22.49
C LEU A 4 1.68 1.54 21.07
N THR A 5 1.94 0.38 20.49
CA THR A 5 2.47 0.32 19.14
C THR A 5 1.40 -0.25 18.20
N GLN A 6 0.97 0.58 17.25
CA GLN A 6 -0.03 0.18 16.28
C GLN A 6 0.62 -0.22 14.98
N SER A 7 0.16 -1.32 14.41
CA SER A 7 0.68 -1.79 13.14
C SER A 7 -0.44 -2.39 12.28
N PRO A 8 -0.33 -2.28 10.95
CA PRO A 8 0.74 -1.51 10.28
C PRO A 8 0.46 -0.01 10.38
N VAL A 9 1.32 0.80 9.80
CA VAL A 9 1.13 2.24 9.81
C VAL A 9 -0.01 2.61 8.83
N ILE A 10 -0.08 1.88 7.72
CA ILE A 10 -1.10 2.11 6.70
C ILE A 10 -1.68 0.78 6.25
N LEU A 11 -3.00 0.70 6.21
CA LEU A 11 -3.67 -0.50 5.72
C LEU A 11 -4.44 -0.14 4.46
N SER A 12 -4.17 -0.85 3.36
CA SER A 12 -4.89 -0.64 2.12
C SER A 12 -5.68 -1.89 1.74
N VAL A 13 -7.00 -1.75 1.63
CA VAL A 13 -7.86 -2.91 1.40
C VAL A 13 -9.02 -2.56 0.46
N SER A 14 -9.66 -3.59 -0.10
CA SER A 14 -10.82 -3.39 -0.98
C SER A 14 -12.10 -3.54 -0.18
N PRO A 15 -13.18 -2.88 -0.62
CA PRO A 15 -14.47 -2.98 0.09
C PRO A 15 -14.97 -4.42 0.16
N GLY A 16 -15.59 -4.79 1.28
CA GLY A 16 -16.11 -6.13 1.43
C GLY A 16 -15.09 -7.07 2.04
N GLU A 17 -13.82 -6.66 2.06
CA GLU A 17 -12.77 -7.46 2.67
C GLU A 17 -12.77 -7.32 4.19
N ARG A 18 -12.24 -8.33 4.86
CA ARG A 18 -11.95 -8.29 6.29
C ARG A 18 -10.69 -7.47 6.52
N VAL A 19 -10.66 -6.72 7.61
CA VAL A 19 -9.46 -5.98 7.96
C VAL A 19 -9.27 -6.01 9.47
N SER A 20 -8.01 -6.02 9.91
CA SER A 20 -7.75 -5.92 11.33
C SER A 20 -6.58 -4.99 11.68
N PHE A 21 -6.74 -4.27 12.78
CA PHE A 21 -5.75 -3.33 13.24
C PHE A 21 -5.10 -3.92 14.48
N SER A 22 -3.79 -3.83 14.57
CA SER A 22 -3.08 -4.35 15.73
C SER A 22 -2.62 -3.23 16.65
N CYS A 23 -2.76 -3.45 17.96
CA CYS A 23 -2.22 -2.55 18.97
C CYS A 23 -1.46 -3.37 20.02
N ARG A 24 -0.16 -3.14 20.15
CA ARG A 24 0.63 -3.86 21.14
C ARG A 24 1.10 -2.94 22.25
N ALA A 25 0.91 -3.37 23.49
CA ALA A 25 1.27 -2.57 24.65
C ALA A 25 2.63 -2.97 25.23
N SER A 26 3.36 -1.98 25.75
CA SER A 26 4.71 -2.18 26.27
C SER A 26 4.75 -3.07 27.52
N GLN A 27 3.62 -3.17 28.20
CA GLN A 27 3.46 -4.13 29.28
C GLN A 27 1.98 -4.50 29.36
N SER A 28 1.68 -5.60 30.06
CA SER A 28 0.32 -6.11 30.13
C SER A 28 -0.63 -5.06 30.67
N ILE A 29 -1.80 -4.95 30.04
CA ILE A 29 -2.80 -3.97 30.44
C ILE A 29 -4.20 -4.60 30.59
N GLY A 30 -4.23 -5.93 30.74
CA GLY A 30 -5.48 -6.66 30.84
C GLY A 30 -6.34 -6.51 29.59
N THR A 31 -7.56 -6.00 29.77
CA THR A 31 -8.43 -5.68 28.64
C THR A 31 -8.77 -4.21 28.66
N ASN A 32 -7.91 -3.41 29.29
CA ASN A 32 -8.18 -2.00 29.46
C ASN A 32 -7.70 -1.19 28.25
N ILE A 33 -8.34 -1.45 27.12
CA ILE A 33 -8.03 -0.76 25.88
C ILE A 33 -9.33 -0.33 25.20
N HIS A 34 -9.35 0.90 24.67
CA HIS A 34 -10.49 1.42 23.90
C HIS A 34 -10.04 1.78 22.49
N TRP A 35 -10.94 1.65 21.52
CA TRP A 35 -10.63 1.94 20.13
C TRP A 35 -11.43 3.11 19.56
N TYR A 36 -10.78 3.92 18.73
CA TYR A 36 -11.43 5.10 18.15
C TYR A 36 -11.26 5.18 16.63
N GLN A 37 -12.28 5.72 15.97
CA GLN A 37 -12.20 6.08 14.56
C GLN A 37 -12.11 7.60 14.40
N GLN A 38 -11.19 8.08 13.56
CA GLN A 38 -11.12 9.50 13.30
C GLN A 38 -11.14 9.77 11.80
N ARG A 39 -12.26 10.32 11.32
CA ARG A 39 -12.40 10.66 9.93
C ARG A 39 -11.73 12.00 9.64
N THR A 40 -11.45 12.26 8.38
CA THR A 40 -10.87 13.53 7.96
C THR A 40 -11.65 14.72 8.54
N ASN A 41 -10.92 15.66 9.14
CA ASN A 41 -11.52 16.86 9.74
C ASN A 41 -12.47 16.56 10.90
N GLY A 42 -12.40 15.34 11.44
CA GLY A 42 -13.34 14.97 12.49
C GLY A 42 -12.65 14.74 13.82
N SER A 43 -13.45 14.64 14.86
CA SER A 43 -12.93 14.31 16.18
C SER A 43 -13.05 12.80 16.36
N PRO A 44 -12.31 12.23 17.34
CA PRO A 44 -12.34 10.77 17.51
C PRO A 44 -13.73 10.26 17.85
N ARG A 45 -14.05 9.08 17.34
CA ARG A 45 -15.34 8.45 17.56
C ARG A 45 -15.10 7.10 18.25
N LEU A 46 -15.63 6.93 19.46
CA LEU A 46 -15.42 5.69 20.23
C LEU A 46 -16.11 4.47 19.59
N LEU A 47 -15.33 3.45 19.25
CA LEU A 47 -15.84 2.27 18.56
C LEU A 47 -16.06 1.07 19.50
N ILE A 48 -15.07 0.81 20.33
CA ILE A 48 -15.07 -0.36 21.20
C ILE A 48 -14.47 0.07 22.54
N LYS A 49 -15.09 -0.31 23.65
CA LYS A 49 -14.51 -0.05 24.97
C LYS A 49 -14.12 -1.38 25.61
N TYR A 50 -13.09 -1.33 26.45
CA TYR A 50 -12.59 -2.52 27.15
C TYR A 50 -12.35 -3.72 26.24
N ALA A 51 -11.61 -3.48 25.16
CA ALA A 51 -11.11 -4.51 24.25
C ALA A 51 -12.15 -5.11 23.31
N SER A 52 -13.36 -5.37 23.79
CA SER A 52 -14.31 -6.14 23.01
C SER A 52 -15.76 -5.66 23.13
N GLU A 53 -16.00 -4.70 24.01
CA GLU A 53 -17.36 -4.29 24.35
C GLU A 53 -17.94 -3.29 23.36
N SER A 54 -19.16 -3.54 22.93
CA SER A 54 -19.78 -2.74 21.89
C SER A 54 -20.24 -1.39 22.41
N ILE A 55 -20.41 -0.45 21.48
CA ILE A 55 -20.85 0.91 21.78
C ILE A 55 -22.10 1.19 20.96
N SER A 56 -23.12 1.77 21.59
CA SER A 56 -24.40 2.02 20.92
C SER A 56 -24.19 2.92 19.70
N GLY A 57 -24.85 2.60 18.59
CA GLY A 57 -24.72 3.39 17.38
C GLY A 57 -23.57 2.97 16.48
N ILE A 58 -22.69 2.12 17.00
CA ILE A 58 -21.58 1.63 16.19
C ILE A 58 -22.00 0.39 15.41
N PRO A 59 -21.80 0.42 14.08
CA PRO A 59 -22.16 -0.69 13.19
C PRO A 59 -21.58 -2.03 13.65
N SER A 60 -22.33 -3.11 13.44
CA SER A 60 -21.95 -4.45 13.91
C SER A 60 -20.65 -4.97 13.30
N ARG A 61 -20.25 -4.41 12.16
CA ARG A 61 -19.03 -4.84 11.49
C ARG A 61 -17.75 -4.53 12.28
N PHE A 62 -17.86 -3.61 13.24
CA PHE A 62 -16.74 -3.33 14.14
C PHE A 62 -16.75 -4.25 15.35
N SER A 63 -15.61 -4.87 15.63
CA SER A 63 -15.46 -5.64 16.85
C SER A 63 -14.00 -5.64 17.30
N GLY A 64 -13.77 -5.98 18.56
CA GLY A 64 -12.42 -6.03 19.10
C GLY A 64 -12.16 -7.30 19.87
N SER A 65 -10.88 -7.66 19.97
CA SER A 65 -10.47 -8.82 20.73
C SER A 65 -9.08 -8.58 21.29
N GLY A 66 -8.63 -9.50 22.14
CA GLY A 66 -7.30 -9.44 22.71
C GLY A 66 -7.25 -9.15 24.21
N SER A 67 -6.20 -9.63 24.85
CA SER A 67 -5.95 -9.33 26.25
C SER A 67 -4.45 -9.45 26.54
N GLY A 68 -3.99 -8.77 27.58
CA GLY A 68 -2.58 -8.77 27.89
C GLY A 68 -1.89 -7.61 27.19
N THR A 69 -1.19 -7.90 26.10
CA THR A 69 -0.42 -6.88 25.37
C THR A 69 -0.79 -6.80 23.90
N ASP A 70 -1.52 -7.77 23.40
CA ASP A 70 -1.81 -7.88 21.97
C ASP A 70 -3.30 -7.73 21.70
N PHE A 71 -3.68 -6.63 21.04
CA PHE A 71 -5.09 -6.31 20.80
C PHE A 71 -5.44 -6.09 19.33
N THR A 72 -6.66 -6.45 18.96
CA THR A 72 -7.08 -6.39 17.56
C THR A 72 -8.44 -5.74 17.40
N LEU A 73 -8.51 -4.73 16.53
CA LEU A 73 -9.78 -4.17 16.10
C LEU A 73 -10.08 -4.75 14.73
N SER A 74 -11.28 -5.27 14.54
CA SER A 74 -11.65 -5.88 13.26
C SER A 74 -12.82 -5.17 12.62
N ILE A 75 -12.75 -5.02 11.29
CA ILE A 75 -13.89 -4.69 10.46
C ILE A 75 -14.13 -5.89 9.55
N ASN A 76 -15.25 -6.59 9.72
CA ASN A 76 -15.42 -7.87 9.03
C ASN A 76 -15.64 -7.75 7.53
N SER A 77 -16.24 -6.64 7.09
CA SER A 77 -16.48 -6.37 5.68
C SER A 77 -16.42 -4.86 5.46
N VAL A 78 -15.24 -4.36 5.08
CA VAL A 78 -14.98 -2.92 5.03
C VAL A 78 -15.89 -2.18 4.04
N GLU A 79 -16.40 -1.03 4.45
CA GLU A 79 -17.18 -0.17 3.55
C GLU A 79 -16.38 1.08 3.19
N SER A 80 -16.75 1.74 2.10
CA SER A 80 -16.03 2.93 1.62
C SER A 80 -15.91 4.04 2.67
N GLU A 81 -16.95 4.22 3.48
CA GLU A 81 -16.98 5.25 4.50
C GLU A 81 -16.13 4.91 5.73
N ASP A 82 -15.56 3.71 5.77
CA ASP A 82 -14.68 3.36 6.89
C ASP A 82 -13.30 4.01 6.75
N ILE A 83 -13.08 4.70 5.62
CA ILE A 83 -11.85 5.47 5.42
C ILE A 83 -11.64 6.42 6.60
N ALA A 84 -10.49 6.28 7.27
CA ALA A 84 -10.19 7.02 8.51
C ALA A 84 -8.86 6.60 9.09
N ASP A 85 -8.47 7.30 10.15
CA ASP A 85 -7.42 6.85 11.05
C ASP A 85 -8.04 6.14 12.26
N TYR A 86 -7.38 5.09 12.73
CA TYR A 86 -7.86 4.32 13.86
C TYR A 86 -6.84 4.27 14.97
N TYR A 87 -7.29 4.55 16.20
CA TYR A 87 -6.42 4.64 17.36
C TYR A 87 -6.82 3.70 18.50
N CYS A 88 -5.83 3.22 19.24
CA CYS A 88 -6.11 2.51 20.47
C CYS A 88 -5.71 3.38 21.64
N GLN A 89 -6.36 3.16 22.77
CA GLN A 89 -6.06 3.89 23.98
C GLN A 89 -6.04 2.89 25.12
N GLN A 90 -5.01 2.94 25.97
CA GLN A 90 -4.98 2.10 27.17
C GLN A 90 -5.32 2.95 28.39
N ASN A 91 -5.94 2.33 29.39
CA ASN A 91 -6.17 3.02 30.66
C ASN A 91 -6.03 2.07 31.86
N ASN A 92 -5.12 1.12 31.74
CA ASN A 92 -4.79 0.28 32.88
C ASN A 92 -3.85 1.03 33.82
N ASN A 93 -3.03 1.91 33.23
CA ASN A 93 -2.00 2.63 33.99
C ASN A 93 -2.05 4.14 33.69
N TRP A 94 -2.04 4.93 34.76
CA TRP A 94 -2.04 6.38 34.63
C TRP A 94 -0.65 6.83 34.13
N PRO A 95 -0.59 7.76 33.17
CA PRO A 95 -1.72 8.42 32.49
C PRO A 95 -2.24 7.58 31.33
N THR A 96 -3.50 7.74 30.98
CA THR A 96 -4.02 7.11 29.78
C THR A 96 -3.20 7.57 28.56
N THR A 97 -2.89 6.64 27.67
CA THR A 97 -2.10 6.93 26.49
C THR A 97 -2.71 6.33 25.23
N PHE A 98 -2.33 6.87 24.07
CA PHE A 98 -2.89 6.47 22.79
C PHE A 98 -1.80 5.95 21.86
N GLY A 99 -2.16 5.03 20.97
CA GLY A 99 -1.27 4.60 19.90
C GLY A 99 -1.05 5.71 18.89
N ALA A 100 -0.09 5.54 17.99
CA ALA A 100 0.20 6.55 16.98
C ALA A 100 -0.75 6.44 15.78
N GLY A 101 -1.54 5.36 15.74
CA GLY A 101 -2.61 5.26 14.76
C GLY A 101 -2.31 4.46 13.52
N THR A 102 -3.36 3.88 12.93
CA THR A 102 -3.24 3.22 11.64
C THR A 102 -4.18 3.91 10.66
N LYS A 103 -3.67 4.25 9.49
CA LYS A 103 -4.49 4.85 8.45
C LYS A 103 -5.10 3.76 7.59
N LEU A 104 -6.42 3.81 7.40
CA LEU A 104 -7.08 2.86 6.51
C LEU A 104 -7.35 3.48 5.14
N GLU A 105 -6.74 2.93 4.10
CA GLU A 105 -6.97 3.43 2.75
C GLU A 105 -7.75 2.40 1.96
N LEU A 106 -8.55 2.85 1.00
CA LEU A 106 -9.39 1.94 0.26
C LEU A 106 -9.00 1.83 -1.19
N LYS A 107 -8.98 0.59 -1.68
CA LYS A 107 -8.74 0.32 -3.08
C LYS A 107 -10.03 0.45 -3.87
N ARG A 108 -9.87 0.79 -5.15
CA ARG A 108 -10.99 0.84 -6.08
C ARG A 108 -10.39 0.72 -7.48
N THR A 109 -11.24 0.66 -8.50
CA THR A 109 -10.75 0.59 -9.87
C THR A 109 -10.12 1.91 -10.26
N VAL A 110 -9.24 1.85 -11.26
CA VAL A 110 -8.66 3.07 -11.83
C VAL A 110 -9.74 4.01 -12.36
N ALA A 111 -9.61 5.30 -12.05
CA ALA A 111 -10.53 6.33 -12.53
C ALA A 111 -9.70 7.52 -12.99
N ALA A 112 -9.84 7.90 -14.26
CA ALA A 112 -9.14 9.07 -14.83
C ALA A 112 -9.72 10.36 -14.26
N PRO A 113 -8.86 11.35 -14.02
CA PRO A 113 -9.34 12.63 -13.50
C PRO A 113 -10.08 13.43 -14.59
N SER A 114 -11.07 14.23 -14.20
CA SER A 114 -11.61 15.25 -15.11
C SER A 114 -10.81 16.50 -14.83
N VAL A 115 -10.31 17.15 -15.89
CA VAL A 115 -9.39 18.26 -15.75
C VAL A 115 -10.03 19.59 -16.15
N PHE A 116 -9.81 20.61 -15.32
CA PHE A 116 -10.36 21.94 -15.56
C PHE A 116 -9.26 22.94 -15.26
N ILE A 117 -9.21 24.03 -16.03
CA ILE A 117 -8.23 25.08 -15.80
C ILE A 117 -8.95 26.41 -15.53
N PHE A 118 -8.40 27.23 -14.64
CA PHE A 118 -9.00 28.51 -14.31
C PHE A 118 -7.99 29.64 -14.44
N PRO A 119 -8.30 30.64 -15.27
CA PRO A 119 -7.44 31.81 -15.38
C PRO A 119 -7.51 32.64 -14.11
N PRO A 120 -6.51 33.52 -13.88
CA PRO A 120 -6.64 34.41 -12.73
C PRO A 120 -7.81 35.35 -12.96
N SER A 121 -8.45 35.75 -11.87
CA SER A 121 -9.54 36.72 -11.94
C SER A 121 -8.95 38.10 -12.16
N ASP A 122 -9.74 39.00 -12.74
CA ASP A 122 -9.31 40.38 -12.92
C ASP A 122 -9.15 41.01 -11.55
N GLU A 123 -9.93 40.53 -10.60
CA GLU A 123 -9.89 41.03 -9.24
C GLU A 123 -8.50 40.82 -8.66
N GLN A 124 -7.97 39.61 -8.83
CA GLN A 124 -6.65 39.29 -8.30
C GLN A 124 -5.56 40.08 -8.99
N LEU A 125 -5.66 40.21 -10.30
CA LEU A 125 -4.64 40.93 -11.07
C LEU A 125 -4.41 42.34 -10.54
N LYS A 126 -5.45 42.96 -10.00
CA LYS A 126 -5.31 44.30 -9.41
C LYS A 126 -4.27 44.33 -8.29
N SER A 127 -4.11 43.22 -7.59
CA SER A 127 -3.18 43.13 -6.47
C SER A 127 -1.74 42.82 -6.90
N GLY A 128 -1.52 42.64 -8.20
CA GLY A 128 -0.18 42.43 -8.72
C GLY A 128 0.27 40.98 -8.80
N THR A 129 -0.64 40.06 -8.51
CA THR A 129 -0.31 38.64 -8.56
C THR A 129 -1.32 37.88 -9.42
N ALA A 130 -0.85 36.85 -10.12
CA ALA A 130 -1.74 36.00 -10.90
C ALA A 130 -1.64 34.53 -10.47
N SER A 131 -2.77 33.97 -10.05
CA SER A 131 -2.86 32.55 -9.75
C SER A 131 -3.61 31.82 -10.83
N VAL A 132 -3.01 30.77 -11.39
CA VAL A 132 -3.67 29.92 -12.36
C VAL A 132 -3.90 28.54 -11.74
N VAL A 133 -5.12 28.05 -11.82
CA VAL A 133 -5.46 26.81 -11.10
C VAL A 133 -5.89 25.71 -12.06
N CYS A 134 -5.28 24.56 -11.90
CA CYS A 134 -5.68 23.35 -12.60
C CYS A 134 -6.29 22.37 -11.60
N LEU A 135 -7.49 21.88 -11.90
CA LEU A 135 -8.21 20.95 -11.03
C LEU A 135 -8.26 19.58 -11.66
N LEU A 136 -7.85 18.57 -10.89
CA LEU A 136 -7.94 17.19 -11.34
C LEU A 136 -9.01 16.56 -10.46
N ASN A 137 -10.15 16.21 -11.04
CA ASN A 137 -11.30 15.82 -10.22
C ASN A 137 -11.61 14.34 -10.24
N ASN A 138 -11.81 13.78 -9.04
CA ASN A 138 -12.31 12.41 -8.84
C ASN A 138 -11.54 11.31 -9.59
N PHE A 139 -10.30 11.11 -9.21
CA PHE A 139 -9.48 10.11 -9.87
C PHE A 139 -8.89 9.11 -8.86
N TYR A 140 -8.32 8.01 -9.37
CA TYR A 140 -7.67 7.00 -8.58
C TYR A 140 -6.80 6.20 -9.54
N PRO A 141 -5.58 5.85 -9.14
CA PRO A 141 -4.98 6.11 -7.82
C PRO A 141 -4.46 7.52 -7.67
N ARG A 142 -3.92 7.80 -6.49
CA ARG A 142 -3.54 9.14 -6.08
C ARG A 142 -2.43 9.75 -6.94
N GLU A 143 -1.53 8.91 -7.45
CA GLU A 143 -0.40 9.41 -8.23
C GLU A 143 -0.86 10.11 -9.52
N ALA A 144 -0.39 11.34 -9.70
CA ALA A 144 -0.66 12.12 -10.90
C ALA A 144 0.49 13.11 -11.14
N LYS A 145 0.71 13.51 -12.38
CA LYS A 145 1.74 14.49 -12.73
C LYS A 145 1.06 15.68 -13.40
N VAL A 146 1.32 16.87 -12.91
CA VAL A 146 0.80 18.08 -13.54
C VAL A 146 1.98 18.89 -14.06
N GLN A 147 1.98 19.18 -15.35
CA GLN A 147 3.05 19.95 -15.95
C GLN A 147 2.51 21.28 -16.47
N TRP A 148 3.08 22.38 -16.00
CA TRP A 148 2.65 23.69 -16.47
C TRP A 148 3.55 24.21 -17.58
N LYS A 149 2.92 24.82 -18.58
CA LYS A 149 3.65 25.49 -19.66
C LYS A 149 3.07 26.86 -19.93
N VAL A 150 3.95 27.86 -20.07
CA VAL A 150 3.56 29.20 -20.43
C VAL A 150 4.29 29.57 -21.72
N ASP A 151 3.54 29.81 -22.79
CA ASP A 151 4.14 30.01 -24.12
C ASP A 151 5.19 28.94 -24.40
N ASN A 152 4.85 27.69 -24.09
CA ASN A 152 5.75 26.55 -24.29
C ASN A 152 6.98 26.49 -23.40
N ALA A 153 7.11 27.43 -22.47
CA ALA A 153 8.17 27.35 -21.48
C ALA A 153 7.68 26.48 -20.34
N LEU A 154 8.42 25.41 -20.07
CA LEU A 154 8.13 24.55 -18.94
C LEU A 154 8.32 25.29 -17.63
N GLN A 155 7.30 25.27 -16.77
CA GLN A 155 7.36 25.96 -15.48
C GLN A 155 7.86 25.02 -14.39
N SER A 156 8.78 25.50 -13.57
CA SER A 156 9.29 24.66 -12.50
C SER A 156 9.55 25.47 -11.24
N GLY A 157 9.03 24.99 -10.12
CA GLY A 157 9.29 25.59 -8.83
C GLY A 157 8.27 26.64 -8.39
N ASN A 158 7.34 26.99 -9.29
CA ASN A 158 6.38 28.07 -9.03
C ASN A 158 4.92 27.62 -8.95
N SER A 159 4.73 26.33 -8.67
CA SER A 159 3.39 25.81 -8.47
C SER A 159 3.33 25.01 -7.17
N GLN A 160 2.15 24.93 -6.58
CA GLN A 160 1.94 24.07 -5.41
C GLN A 160 0.72 23.19 -5.65
N GLU A 161 0.76 21.97 -5.14
CA GLU A 161 -0.32 21.00 -5.26
C GLU A 161 -0.92 20.68 -3.90
N SER A 162 -2.20 20.36 -3.88
CA SER A 162 -2.86 19.93 -2.67
C SER A 162 -3.81 18.82 -3.08
N VAL A 163 -3.90 17.78 -2.25
CA VAL A 163 -4.69 16.61 -2.59
C VAL A 163 -5.66 16.35 -1.46
N THR A 164 -6.92 16.11 -1.79
CA THR A 164 -7.91 15.81 -0.75
C THR A 164 -7.67 14.41 -0.21
N GLU A 165 -8.28 14.09 0.92
CA GLU A 165 -8.32 12.71 1.40
C GLU A 165 -9.32 11.95 0.55
N GLN A 166 -9.26 10.62 0.58
CA GLN A 166 -10.20 9.80 -0.20
C GLN A 166 -11.65 10.13 0.10
N ASP A 167 -12.48 10.21 -0.95
CA ASP A 167 -13.91 10.45 -0.76
C ASP A 167 -14.59 9.26 -0.07
N SER A 168 -15.49 9.54 0.87
CA SER A 168 -16.08 8.48 1.69
C SER A 168 -17.05 7.61 0.90
N LYS A 169 -17.48 8.10 -0.26
CA LYS A 169 -18.43 7.34 -1.07
C LYS A 169 -17.83 6.64 -2.27
N ASP A 170 -16.99 7.33 -3.04
CA ASP A 170 -16.47 6.72 -4.26
C ASP A 170 -14.97 6.39 -4.18
N SER A 171 -14.34 6.76 -3.07
CA SER A 171 -12.94 6.45 -2.80
C SER A 171 -11.92 7.14 -3.71
N THR A 172 -12.33 8.22 -4.38
CA THR A 172 -11.44 8.95 -5.29
C THR A 172 -10.75 10.12 -4.60
N TYR A 173 -9.70 10.62 -5.24
CA TYR A 173 -9.05 11.85 -4.81
C TYR A 173 -9.37 12.99 -5.78
N SER A 174 -9.16 14.22 -5.34
CA SER A 174 -9.09 15.33 -6.29
C SER A 174 -7.81 16.09 -5.97
N LEU A 175 -7.29 16.84 -6.94
CA LEU A 175 -6.05 17.58 -6.75
C LEU A 175 -6.16 18.95 -7.38
N SER A 176 -5.58 19.95 -6.72
CA SER A 176 -5.43 21.25 -7.32
C SER A 176 -3.94 21.51 -7.49
N SER A 177 -3.58 22.09 -8.63
CA SER A 177 -2.24 22.63 -8.83
C SER A 177 -2.40 24.12 -9.12
N THR A 178 -1.70 24.94 -8.37
CA THR A 178 -1.81 26.39 -8.50
C THR A 178 -0.47 26.95 -8.96
N LEU A 179 -0.48 27.57 -10.13
CA LEU A 179 0.70 28.22 -10.68
C LEU A 179 0.62 29.70 -10.34
N THR A 180 1.64 30.21 -9.68
CA THR A 180 1.65 31.61 -9.27
C THR A 180 2.70 32.45 -10.01
N LEU A 181 2.24 33.51 -10.65
CA LEU A 181 3.12 34.42 -11.38
C LEU A 181 2.87 35.84 -10.91
N SER A 182 3.87 36.71 -11.04
CA SER A 182 3.63 38.14 -10.86
C SER A 182 2.72 38.57 -11.99
N LYS A 183 1.97 39.65 -11.78
CA LYS A 183 1.11 40.20 -12.83
C LYS A 183 1.88 40.49 -14.09
N ALA A 184 3.05 41.11 -13.94
CA ALA A 184 3.88 41.49 -15.08
C ALA A 184 4.23 40.29 -15.97
N ASP A 185 4.68 39.19 -15.35
CA ASP A 185 4.99 37.96 -16.08
C ASP A 185 3.75 37.47 -16.81
N TYR A 186 2.64 37.38 -16.08
CA TYR A 186 1.38 36.92 -16.65
C TYR A 186 0.99 37.74 -17.89
N GLU A 187 1.12 39.06 -17.79
CA GLU A 187 0.76 39.93 -18.90
C GLU A 187 1.72 39.80 -20.10
N LYS A 188 2.93 39.31 -19.85
CA LYS A 188 3.92 39.16 -20.92
C LYS A 188 3.67 37.96 -21.81
N HIS A 189 2.71 37.11 -21.44
CA HIS A 189 2.57 35.83 -22.12
C HIS A 189 1.13 35.53 -22.52
N LYS A 190 0.97 34.56 -23.43
CA LYS A 190 -0.36 34.28 -23.98
C LYS A 190 -0.94 32.91 -23.61
N VAL A 191 -0.22 31.84 -23.92
CA VAL A 191 -0.79 30.50 -23.79
C VAL A 191 -0.44 29.86 -22.47
N TYR A 192 -1.47 29.57 -21.68
CA TYR A 192 -1.33 28.94 -20.37
C TYR A 192 -1.91 27.54 -20.39
N ALA A 193 -1.05 26.55 -20.15
CA ALA A 193 -1.44 25.15 -20.33
C ALA A 193 -1.10 24.28 -19.11
N CYS A 194 -2.07 23.49 -18.71
CA CYS A 194 -1.92 22.47 -17.68
C CYS A 194 -1.95 21.09 -18.34
N GLU A 195 -0.84 20.37 -18.32
CA GLU A 195 -0.83 19.01 -18.86
C GLU A 195 -0.82 17.95 -17.75
N VAL A 196 -1.81 17.06 -17.80
CA VAL A 196 -2.04 16.10 -16.73
C VAL A 196 -1.74 14.68 -17.22
N THR A 197 -0.93 13.97 -16.44
CA THR A 197 -0.60 12.58 -16.72
C THR A 197 -1.16 11.74 -15.58
N HIS A 198 -1.85 10.66 -15.92
CA HIS A 198 -2.43 9.76 -14.91
C HIS A 198 -2.62 8.39 -15.53
N GLN A 199 -2.61 7.37 -14.69
CA GLN A 199 -2.71 5.98 -15.15
C GLN A 199 -4.00 5.70 -15.93
N GLY A 200 -5.09 6.38 -15.55
CA GLY A 200 -6.35 6.18 -16.23
C GLY A 200 -6.52 6.88 -17.56
N LEU A 201 -5.50 7.60 -18.03
CA LEU A 201 -5.56 8.29 -19.33
C LEU A 201 -4.61 7.60 -20.30
N SER A 202 -5.05 7.38 -21.53
CA SER A 202 -4.20 6.73 -22.51
C SER A 202 -3.12 7.68 -23.03
N SER A 203 -3.40 8.97 -22.96
CA SER A 203 -2.38 9.96 -23.26
C SER A 203 -2.64 11.19 -22.39
N PRO A 204 -1.62 12.03 -22.16
CA PRO A 204 -1.78 13.21 -21.30
C PRO A 204 -2.93 14.11 -21.75
N VAL A 205 -3.62 14.70 -20.79
CA VAL A 205 -4.70 15.62 -21.10
C VAL A 205 -4.24 17.04 -20.85
N THR A 206 -4.41 17.90 -21.83
CA THR A 206 -4.03 19.29 -21.65
C THR A 206 -5.26 20.19 -21.64
N LYS A 207 -5.36 21.05 -20.63
CA LYS A 207 -6.32 22.13 -20.67
C LYS A 207 -5.52 23.41 -20.75
N SER A 208 -5.98 24.37 -21.55
CA SER A 208 -5.26 25.62 -21.71
C SER A 208 -6.20 26.76 -22.01
N PHE A 209 -5.71 27.98 -21.86
CA PHE A 209 -6.44 29.15 -22.33
C PHE A 209 -5.48 30.19 -22.86
N ASN A 210 -6.00 31.13 -23.64
CA ASN A 210 -5.21 32.27 -24.09
C ASN A 210 -5.62 33.47 -23.25
N ARG A 211 -4.67 34.09 -22.57
CA ARG A 211 -4.98 35.29 -21.80
C ARG A 211 -5.72 36.27 -22.71
N GLY A 212 -6.92 36.67 -22.30
CA GLY A 212 -7.78 37.49 -23.14
C GLY A 212 -8.34 36.73 -24.33
N GLN B 1 -29.48 16.11 23.68
CA GLN B 1 -28.28 15.43 23.18
C GLN B 1 -27.02 15.97 23.84
N VAL B 2 -26.10 15.08 24.20
CA VAL B 2 -24.84 15.48 24.80
C VAL B 2 -23.93 16.17 23.79
N GLN B 3 -23.53 17.40 24.08
CA GLN B 3 -22.61 18.11 23.20
C GLN B 3 -21.56 18.88 23.97
N LEU B 4 -20.38 19.02 23.37
CA LEU B 4 -19.35 19.89 23.91
C LEU B 4 -18.93 20.84 22.80
N LYS B 5 -18.92 22.14 23.09
CA LYS B 5 -18.59 23.13 22.07
C LYS B 5 -17.49 24.04 22.56
N GLN B 6 -16.41 24.13 21.79
CA GLN B 6 -15.22 24.85 22.21
C GLN B 6 -15.18 26.20 21.54
N SER B 7 -14.43 27.12 22.15
CA SER B 7 -14.21 28.43 21.58
C SER B 7 -13.36 28.35 20.30
N GLY B 8 -13.37 29.44 19.53
CA GLY B 8 -12.75 29.46 18.22
C GLY B 8 -11.23 29.32 18.14
N PRO B 9 -10.73 28.96 16.95
CA PRO B 9 -9.30 28.80 16.68
C PRO B 9 -8.52 30.09 16.91
N GLY B 10 -7.27 29.96 17.34
CA GLY B 10 -6.49 31.11 17.74
C GLY B 10 -4.99 30.99 17.62
N LEU B 11 -4.38 32.13 17.36
CA LEU B 11 -2.95 32.28 17.31
C LEU B 11 -2.44 32.63 18.72
N VAL B 12 -1.44 31.89 19.20
CA VAL B 12 -0.79 32.24 20.46
C VAL B 12 0.69 32.57 20.24
N GLN B 13 1.15 33.68 20.83
CA GLN B 13 2.56 34.07 20.68
C GLN B 13 3.47 33.21 21.58
N PRO B 14 4.67 32.85 21.09
CA PRO B 14 5.61 32.06 21.89
C PRO B 14 5.86 32.66 23.26
N SER B 15 5.81 31.80 24.28
CA SER B 15 5.90 32.14 25.72
C SER B 15 4.61 32.72 26.30
N GLN B 16 3.60 32.93 25.46
CA GLN B 16 2.32 33.42 25.97
C GLN B 16 1.39 32.28 26.31
N SER B 17 0.21 32.60 26.83
CA SER B 17 -0.70 31.56 27.30
C SER B 17 -1.87 31.30 26.36
N LEU B 18 -2.43 30.11 26.50
CA LEU B 18 -3.55 29.63 25.69
C LEU B 18 -4.79 29.50 26.57
N SER B 19 -5.91 30.05 26.14
CA SER B 19 -7.16 29.91 26.88
C SER B 19 -8.26 29.41 25.96
N ILE B 20 -8.93 28.34 26.40
CA ILE B 20 -10.02 27.72 25.66
C ILE B 20 -11.20 27.44 26.57
N THR B 21 -12.40 27.70 26.08
CA THR B 21 -13.62 27.42 26.83
C THR B 21 -14.38 26.28 26.18
N CYS B 22 -14.76 25.31 27.00
CA CYS B 22 -15.60 24.22 26.57
C CYS B 22 -16.96 24.43 27.23
N THR B 23 -17.98 24.59 26.41
CA THR B 23 -19.34 24.78 26.91
C THR B 23 -20.14 23.53 26.61
N VAL B 24 -20.65 22.89 27.65
CA VAL B 24 -21.32 21.63 27.48
C VAL B 24 -22.83 21.79 27.58
N SER B 25 -23.55 20.83 27.02
CA SER B 25 -24.99 20.75 27.17
C SER B 25 -25.44 19.29 27.08
N GLY B 26 -26.63 19.01 27.60
CA GLY B 26 -27.14 17.65 27.61
C GLY B 26 -26.71 16.85 28.83
N PHE B 27 -25.97 17.49 29.73
CA PHE B 27 -25.55 16.88 30.99
C PHE B 27 -24.99 17.97 31.91
N SER B 28 -24.87 17.67 33.19
CA SER B 28 -24.40 18.63 34.18
C SER B 28 -22.94 18.38 34.50
N LEU B 29 -22.16 19.45 34.62
CA LEU B 29 -20.76 19.34 35.00
C LEU B 29 -20.58 18.80 36.43
N THR B 30 -21.65 18.86 37.23
CA THR B 30 -21.62 18.33 38.59
C THR B 30 -21.71 16.82 38.59
N ASN B 31 -21.89 16.23 37.42
CA ASN B 31 -22.12 14.79 37.30
C ASN B 31 -21.07 14.06 36.49
N TYR B 32 -20.29 14.79 35.70
CA TYR B 32 -19.24 14.18 34.89
C TYR B 32 -17.95 15.00 34.92
N GLY B 33 -16.82 14.30 34.78
CA GLY B 33 -15.55 14.98 34.60
C GLY B 33 -15.42 15.42 33.15
N VAL B 34 -14.63 16.46 32.91
CA VAL B 34 -14.32 16.87 31.54
C VAL B 34 -12.83 16.78 31.33
N HIS B 35 -12.44 16.01 30.32
CA HIS B 35 -11.03 15.78 30.03
C HIS B 35 -10.57 16.69 28.88
N TRP B 36 -9.26 16.94 28.83
CA TRP B 36 -8.66 17.66 27.71
C TRP B 36 -7.58 16.83 27.06
N VAL B 37 -7.67 16.72 25.74
CA VAL B 37 -6.79 15.90 24.93
C VAL B 37 -6.34 16.74 23.75
N ARG B 38 -5.06 16.66 23.39
CA ARG B 38 -4.60 17.38 22.23
C ARG B 38 -4.06 16.41 21.19
N GLN B 39 -3.94 16.92 19.97
CA GLN B 39 -3.43 16.13 18.86
C GLN B 39 -2.49 17.00 18.04
N SER B 40 -1.21 16.65 18.05
CA SER B 40 -0.18 17.43 17.37
C SER B 40 0.54 16.56 16.36
N PRO B 41 1.20 17.18 15.39
CA PRO B 41 2.09 16.46 14.47
C PRO B 41 3.13 15.60 15.21
N GLY B 42 3.85 16.19 16.15
CA GLY B 42 4.93 15.49 16.83
C GLY B 42 4.55 14.47 17.90
N LYS B 43 3.38 14.62 18.52
CA LYS B 43 3.01 13.75 19.65
C LYS B 43 1.73 12.93 19.45
N GLY B 44 0.95 13.22 18.40
CA GLY B 44 -0.30 12.50 18.16
C GLY B 44 -1.32 12.78 19.26
N LEU B 45 -2.17 11.80 19.57
CA LEU B 45 -3.13 11.98 20.69
C LEU B 45 -2.48 11.90 22.07
N GLU B 46 -2.71 12.91 22.88
CA GLU B 46 -2.03 13.03 24.14
C GLU B 46 -2.99 13.56 25.19
N TRP B 47 -3.20 12.80 26.25
CA TRP B 47 -4.12 13.24 27.30
C TRP B 47 -3.42 14.29 28.15
N LEU B 48 -4.12 15.38 28.44
CA LEU B 48 -3.52 16.51 29.16
C LEU B 48 -3.93 16.60 30.63
N GLY B 49 -5.21 16.35 30.90
CA GLY B 49 -5.74 16.43 32.24
C GLY B 49 -7.26 16.40 32.29
N VAL B 50 -7.83 16.62 33.47
CA VAL B 50 -9.25 16.44 33.71
C VAL B 50 -9.72 17.32 34.88
N ILE B 51 -10.94 17.83 34.80
CA ILE B 51 -11.57 18.41 35.98
C ILE B 51 -12.77 17.54 36.35
N TRP B 52 -12.72 16.97 37.56
CA TRP B 52 -13.71 16.01 38.00
C TRP B 52 -15.00 16.68 38.41
N SER B 53 -16.04 15.87 38.61
CA SER B 53 -17.34 16.36 39.08
C SER B 53 -17.21 17.35 40.24
N GLY B 54 -16.48 16.97 41.28
CA GLY B 54 -16.38 17.80 42.47
C GLY B 54 -15.38 18.94 42.40
N GLY B 55 -14.76 19.13 41.23
CA GLY B 55 -13.82 20.22 41.06
C GLY B 55 -12.34 19.91 41.23
N ASN B 56 -12.01 18.69 41.64
CA ASN B 56 -10.61 18.26 41.67
C ASN B 56 -10.00 18.16 40.26
N THR B 57 -8.69 18.37 40.16
CA THR B 57 -8.03 18.22 38.86
C THR B 57 -6.84 17.27 38.93
N ASP B 58 -6.61 16.53 37.84
CA ASP B 58 -5.34 15.84 37.64
C ASP B 58 -4.74 16.36 36.34
N TYR B 59 -3.44 16.59 36.34
CA TYR B 59 -2.74 17.03 35.14
C TYR B 59 -1.71 15.99 34.74
N ASN B 60 -1.62 15.70 33.45
CA ASN B 60 -0.57 14.78 32.98
C ASN B 60 0.81 15.33 33.37
N THR B 61 1.74 14.43 33.65
CA THR B 61 3.06 14.78 34.17
C THR B 61 3.79 15.99 33.54
N PRO B 62 3.87 16.05 32.20
CA PRO B 62 4.61 17.17 31.60
C PRO B 62 3.91 18.52 31.71
N PHE B 63 2.69 18.55 32.25
CA PHE B 63 1.91 19.79 32.24
C PHE B 63 1.50 20.25 33.64
N THR B 64 2.00 19.58 34.67
CA THR B 64 1.57 19.91 36.02
C THR B 64 1.88 21.35 36.43
N SER B 65 2.92 21.93 35.83
CA SER B 65 3.37 23.26 36.25
C SER B 65 3.02 24.39 35.27
N ARG B 66 2.21 24.11 34.25
CA ARG B 66 1.81 25.17 33.35
C ARG B 66 0.36 25.03 32.89
N LEU B 67 -0.34 24.06 33.44
CA LEU B 67 -1.72 23.80 33.06
C LEU B 67 -2.68 24.07 34.22
N SER B 68 -3.76 24.76 33.91
CA SER B 68 -4.77 25.08 34.90
C SER B 68 -6.14 24.81 34.28
N ILE B 69 -6.93 23.95 34.92
CA ILE B 69 -8.30 23.73 34.47
C ILE B 69 -9.28 24.14 35.57
N ASN B 70 -10.24 24.99 35.23
CA ASN B 70 -11.30 25.42 36.14
C ASN B 70 -12.64 25.28 35.46
N LYS B 71 -13.72 25.54 36.19
CA LYS B 71 -15.06 25.45 35.62
C LYS B 71 -16.12 26.27 36.35
N ASP B 72 -17.23 26.50 35.67
CA ASP B 72 -18.39 27.17 36.21
C ASP B 72 -19.57 26.24 35.96
N ASN B 73 -19.96 25.49 36.99
CA ASN B 73 -21.07 24.55 36.87
C ASN B 73 -22.36 25.18 36.39
N SER B 74 -22.68 26.35 36.93
CA SER B 74 -23.92 27.03 36.60
C SER B 74 -23.95 27.50 35.16
N LYS B 75 -22.78 27.78 34.60
CA LYS B 75 -22.66 28.26 33.23
C LYS B 75 -22.33 27.10 32.28
N SER B 76 -22.21 25.90 32.84
CA SER B 76 -21.80 24.71 32.08
C SER B 76 -20.52 24.95 31.28
N GLN B 77 -19.58 25.71 31.86
CA GLN B 77 -18.33 26.04 31.17
C GLN B 77 -17.11 25.45 31.87
N VAL B 78 -16.20 24.90 31.08
CA VAL B 78 -14.91 24.45 31.58
C VAL B 78 -13.82 25.31 30.96
N PHE B 79 -12.87 25.78 31.77
CA PHE B 79 -11.83 26.68 31.28
C PHE B 79 -10.45 26.02 31.31
N PHE B 80 -9.86 25.90 30.13
CA PHE B 80 -8.54 25.29 29.96
C PHE B 80 -7.56 26.44 29.80
N LYS B 81 -6.50 26.44 30.60
CA LYS B 81 -5.45 27.44 30.41
C LYS B 81 -4.05 26.84 30.52
N MET B 82 -3.23 27.09 29.51
CA MET B 82 -1.85 26.60 29.49
C MET B 82 -0.85 27.72 29.24
N ASN B 83 0.23 27.74 30.02
CA ASN B 83 1.19 28.82 29.98
C ASN B 83 2.42 28.49 29.16
N SER B 84 3.19 29.52 28.84
CA SER B 84 4.50 29.39 28.21
C SER B 84 4.48 28.47 26.99
N LEU B 85 3.59 28.75 26.04
CA LEU B 85 3.50 27.92 24.86
C LEU B 85 4.73 28.05 23.98
N GLN B 86 5.19 26.93 23.45
CA GLN B 86 6.26 26.96 22.49
C GLN B 86 5.74 26.34 21.20
N SER B 87 6.51 26.43 20.13
CA SER B 87 5.98 26.08 18.83
C SER B 87 5.52 24.62 18.73
N ASN B 88 6.09 23.75 19.55
CA ASN B 88 5.66 22.35 19.54
C ASN B 88 4.38 22.12 20.36
N ASP B 89 3.75 23.20 20.80
CA ASP B 89 2.45 23.12 21.46
C ASP B 89 1.36 23.41 20.43
N THR B 90 1.77 23.72 19.20
CA THR B 90 0.82 23.87 18.09
C THR B 90 0.11 22.52 17.92
N ALA B 91 -1.21 22.53 18.00
CA ALA B 91 -1.99 21.30 18.01
C ALA B 91 -3.46 21.61 17.95
N ILE B 92 -4.27 20.58 17.73
CA ILE B 92 -5.70 20.68 17.95
C ILE B 92 -5.99 20.22 19.38
N TYR B 93 -6.66 21.07 20.15
CA TYR B 93 -6.97 20.78 21.54
C TYR B 93 -8.44 20.41 21.62
N TYR B 94 -8.74 19.32 22.33
CA TYR B 94 -10.12 18.85 22.47
C TYR B 94 -10.55 18.83 23.93
N CYS B 95 -11.83 19.10 24.20
CA CYS B 95 -12.42 18.64 25.46
C CYS B 95 -13.22 17.39 25.15
N ALA B 96 -13.37 16.52 26.15
CA ALA B 96 -14.08 15.27 25.96
C ALA B 96 -14.77 14.84 27.24
N ARG B 97 -15.81 14.03 27.10
CA ARG B 97 -16.51 13.47 28.25
C ARG B 97 -16.54 11.96 28.13
N ALA B 98 -16.29 11.28 29.23
CA ALA B 98 -16.37 9.82 29.26
C ALA B 98 -17.82 9.33 29.30
N LEU B 99 -17.96 8.02 29.12
CA LEU B 99 -19.25 7.35 29.19
C LEU B 99 -19.83 7.40 30.61
N THR B 100 -18.96 7.31 31.61
CA THR B 100 -19.40 7.42 33.01
C THR B 100 -18.58 8.47 33.73
N TYR B 101 -19.02 8.80 34.95
CA TYR B 101 -18.47 9.94 35.67
C TYR B 101 -16.99 9.81 36.04
N TYR B 102 -16.52 8.58 36.22
CA TYR B 102 -15.17 8.30 36.74
C TYR B 102 -14.20 7.76 35.69
N ASP B 103 -14.71 7.41 34.52
CA ASP B 103 -13.94 6.63 33.56
C ASP B 103 -13.28 7.48 32.46
N TYR B 104 -12.66 6.81 31.49
CA TYR B 104 -11.82 7.48 30.50
C TYR B 104 -12.13 7.02 29.07
N GLU B 105 -13.27 6.36 28.87
CA GLU B 105 -13.64 6.02 27.51
C GLU B 105 -14.43 7.19 26.94
N PHE B 106 -13.77 7.92 26.05
CA PHE B 106 -14.26 9.22 25.59
C PHE B 106 -15.31 9.11 24.49
N ALA B 107 -16.57 9.09 24.91
CA ALA B 107 -17.70 8.88 24.00
C ALA B 107 -18.14 10.17 23.33
N TYR B 108 -17.86 11.30 23.98
CA TYR B 108 -18.25 12.60 23.46
C TYR B 108 -17.06 13.54 23.41
N TRP B 109 -16.90 14.24 22.29
CA TRP B 109 -15.78 15.16 22.09
C TRP B 109 -16.26 16.53 21.61
N GLY B 110 -15.52 17.58 21.99
CA GLY B 110 -15.68 18.88 21.37
C GLY B 110 -15.24 18.81 19.91
N GLN B 111 -15.40 19.91 19.18
CA GLN B 111 -15.08 19.87 17.75
C GLN B 111 -13.60 20.17 17.56
N GLY B 112 -12.94 20.52 18.66
CA GLY B 112 -11.53 20.85 18.66
C GLY B 112 -11.23 22.31 18.40
N THR B 113 -10.11 22.76 18.95
CA THR B 113 -9.64 24.12 18.76
C THR B 113 -8.23 24.06 18.20
N LEU B 114 -8.03 24.58 16.99
CA LEU B 114 -6.68 24.61 16.42
C LEU B 114 -5.88 25.80 16.93
N VAL B 115 -4.81 25.50 17.64
CA VAL B 115 -3.98 26.55 18.21
C VAL B 115 -2.66 26.59 17.49
N THR B 116 -2.30 27.79 17.04
CA THR B 116 -1.04 27.96 16.34
C THR B 116 -0.15 28.83 17.19
N VAL B 117 1.04 28.33 17.48
CA VAL B 117 2.01 29.10 18.24
C VAL B 117 3.00 29.72 17.26
N SER B 118 2.96 31.04 17.16
CA SER B 118 3.76 31.78 16.20
C SER B 118 3.80 33.25 16.60
N ALA B 119 4.92 33.91 16.30
CA ALA B 119 5.08 35.33 16.59
C ALA B 119 4.43 36.22 15.52
N ALA B 120 3.98 35.61 14.43
CA ALA B 120 3.42 36.35 13.31
C ALA B 120 2.08 37.00 13.64
N SER B 121 1.62 37.87 12.75
CA SER B 121 0.36 38.59 12.94
C SER B 121 -0.75 37.84 12.25
N THR B 122 -1.96 38.00 12.78
CA THR B 122 -3.16 37.48 12.14
C THR B 122 -3.44 38.23 10.85
N LYS B 123 -3.89 37.52 9.82
CA LYS B 123 -4.22 38.16 8.54
C LYS B 123 -5.42 37.48 7.88
N GLY B 124 -6.37 38.30 7.44
CA GLY B 124 -7.55 37.79 6.77
C GLY B 124 -7.28 37.49 5.31
N PRO B 125 -8.04 36.54 4.76
CA PRO B 125 -7.79 36.09 3.38
C PRO B 125 -8.41 37.02 2.35
N SER B 126 -7.88 36.99 1.14
CA SER B 126 -8.57 37.51 -0.04
C SER B 126 -9.32 36.33 -0.65
N VAL B 127 -10.49 36.59 -1.23
CA VAL B 127 -11.23 35.53 -1.90
C VAL B 127 -11.47 35.90 -3.36
N PHE B 128 -10.99 35.05 -4.26
CA PHE B 128 -11.12 35.29 -5.70
C PHE B 128 -11.91 34.17 -6.34
N PRO B 129 -12.66 34.49 -7.41
CA PRO B 129 -13.49 33.44 -7.99
C PRO B 129 -12.67 32.56 -8.91
N LEU B 130 -13.05 31.29 -8.99
CA LEU B 130 -12.56 30.39 -10.02
C LEU B 130 -13.74 30.19 -10.95
N ALA B 131 -13.79 30.96 -12.02
CA ALA B 131 -15.00 31.08 -12.83
C ALA B 131 -15.21 29.89 -13.75
N PRO B 132 -16.46 29.41 -13.87
CA PRO B 132 -16.79 28.33 -14.80
C PRO B 132 -16.49 28.79 -16.22
N SER B 133 -15.81 27.98 -17.02
CA SER B 133 -15.52 28.37 -18.40
C SER B 133 -16.70 28.12 -19.33
N SER B 138 -17.55 20.09 -19.22
CA SER B 138 -17.49 18.93 -20.11
C SER B 138 -18.51 17.88 -19.70
N GLY B 139 -19.30 17.41 -20.67
CA GLY B 139 -20.34 16.43 -20.39
C GLY B 139 -21.50 17.05 -19.64
N GLY B 140 -21.74 18.34 -19.87
CA GLY B 140 -22.80 19.06 -19.20
C GLY B 140 -22.42 19.48 -17.79
N THR B 141 -21.21 19.11 -17.36
CA THR B 141 -20.74 19.43 -16.01
C THR B 141 -19.77 20.60 -16.00
N ALA B 142 -20.03 21.59 -15.16
CA ALA B 142 -19.12 22.74 -15.07
C ALA B 142 -18.48 22.74 -13.69
N ALA B 143 -17.19 23.07 -13.63
CA ALA B 143 -16.54 23.26 -12.34
C ALA B 143 -16.35 24.74 -12.05
N LEU B 144 -16.52 25.11 -10.79
CA LEU B 144 -16.25 26.47 -10.38
C LEU B 144 -15.73 26.39 -8.96
N GLY B 145 -15.26 27.52 -8.44
CA GLY B 145 -14.65 27.49 -7.13
C GLY B 145 -14.26 28.87 -6.65
N CYS B 146 -13.58 28.90 -5.52
CA CYS B 146 -13.07 30.11 -4.89
C CYS B 146 -11.64 29.86 -4.43
N LEU B 147 -10.78 30.84 -4.66
CA LEU B 147 -9.39 30.77 -4.24
C LEU B 147 -9.28 31.67 -3.00
N VAL B 148 -8.98 31.06 -1.86
CA VAL B 148 -8.92 31.75 -0.58
C VAL B 148 -7.46 31.89 -0.20
N LYS B 149 -6.93 33.09 -0.34
CA LYS B 149 -5.49 33.26 -0.46
C LYS B 149 -4.91 34.23 0.56
N ASP B 150 -3.70 33.93 1.03
CA ASP B 150 -2.93 34.84 1.89
C ASP B 150 -3.52 35.09 3.27
N TYR B 151 -3.82 34.03 4.02
CA TYR B 151 -4.31 34.25 5.37
C TYR B 151 -3.40 33.57 6.40
N PHE B 152 -3.55 34.00 7.65
CA PHE B 152 -2.80 33.42 8.76
C PHE B 152 -3.51 33.71 10.08
N PRO B 153 -3.56 32.73 10.99
CA PRO B 153 -3.11 31.35 10.83
C PRO B 153 -4.22 30.51 10.22
N GLU B 154 -4.02 29.20 10.13
CA GLU B 154 -5.10 28.27 9.84
C GLU B 154 -6.05 28.31 11.04
N PRO B 155 -7.31 27.88 10.86
CA PRO B 155 -7.99 27.37 9.67
C PRO B 155 -8.94 28.39 9.07
N VAL B 156 -9.48 28.08 7.90
CA VAL B 156 -10.63 28.79 7.38
C VAL B 156 -11.72 27.77 7.15
N THR B 157 -12.96 28.19 7.30
CA THR B 157 -14.08 27.33 6.93
C THR B 157 -14.66 27.86 5.61
N VAL B 158 -15.03 26.94 4.74
CA VAL B 158 -15.68 27.27 3.49
C VAL B 158 -16.90 26.39 3.35
N SER B 159 -18.05 27.02 3.11
CA SER B 159 -19.22 26.28 2.69
C SER B 159 -19.72 26.91 1.38
N TRP B 160 -20.69 26.26 0.75
CA TRP B 160 -21.29 26.80 -0.45
C TRP B 160 -22.79 27.03 -0.26
N ASN B 161 -23.27 28.14 -0.84
CA ASN B 161 -24.65 28.56 -0.75
C ASN B 161 -25.22 28.41 0.66
N SER B 162 -24.47 28.97 1.61
CA SER B 162 -24.84 28.99 3.02
C SER B 162 -25.15 27.60 3.54
N GLY B 163 -24.44 26.61 3.04
CA GLY B 163 -24.58 25.25 3.54
C GLY B 163 -25.53 24.37 2.75
N ALA B 164 -26.31 24.97 1.86
CA ALA B 164 -27.26 24.20 1.07
C ALA B 164 -26.56 23.33 0.00
N LEU B 165 -25.36 23.72 -0.39
CA LEU B 165 -24.67 22.99 -1.45
C LEU B 165 -23.48 22.22 -0.87
N THR B 166 -23.53 20.90 -0.94
CA THR B 166 -22.49 20.05 -0.37
C THR B 166 -22.02 18.99 -1.36
N SER B 167 -22.94 18.52 -2.19
CA SER B 167 -22.63 17.53 -3.22
C SER B 167 -21.62 18.06 -4.25
N GLY B 168 -20.54 17.29 -4.45
CA GLY B 168 -19.51 17.63 -5.42
C GLY B 168 -18.53 18.68 -4.95
N VAL B 169 -18.62 19.05 -3.68
CA VAL B 169 -17.72 20.07 -3.12
C VAL B 169 -16.38 19.41 -2.72
N HIS B 170 -15.28 20.07 -3.06
CA HIS B 170 -13.98 19.62 -2.59
C HIS B 170 -13.24 20.84 -2.07
N THR B 171 -13.00 20.90 -0.76
CA THR B 171 -12.17 21.96 -0.21
C THR B 171 -10.80 21.37 0.09
N PHE B 172 -9.78 21.89 -0.58
CA PHE B 172 -8.44 21.31 -0.52
C PHE B 172 -7.73 21.76 0.74
N PRO B 173 -6.86 20.89 1.28
CA PRO B 173 -6.01 21.29 2.40
C PRO B 173 -5.25 22.56 2.03
N ALA B 174 -5.08 23.46 2.98
CA ALA B 174 -4.30 24.69 2.75
C ALA B 174 -2.85 24.33 2.52
N VAL B 175 -2.15 25.16 1.76
CA VAL B 175 -0.72 25.02 1.60
C VAL B 175 -0.09 26.30 2.12
N LEU B 176 1.06 26.16 2.76
CA LEU B 176 1.81 27.31 3.25
C LEU B 176 2.70 27.88 2.13
N GLN B 177 2.52 29.15 1.82
CA GLN B 177 3.31 29.80 0.79
C GLN B 177 4.63 30.34 1.36
N SER B 178 5.56 30.68 0.48
CA SER B 178 6.87 31.18 0.92
C SER B 178 6.71 32.50 1.70
N SER B 179 5.59 33.18 1.49
CA SER B 179 5.27 34.38 2.25
C SER B 179 4.97 34.07 3.73
N GLY B 180 4.79 32.79 4.06
CA GLY B 180 4.38 32.39 5.40
C GLY B 180 2.88 32.59 5.61
N LEU B 181 2.15 32.73 4.52
CA LEU B 181 0.70 32.87 4.57
C LEU B 181 0.07 31.67 3.86
N TYR B 182 -1.07 31.20 4.36
CA TYR B 182 -1.72 30.05 3.75
C TYR B 182 -2.61 30.40 2.56
N SER B 183 -2.89 29.39 1.76
CA SER B 183 -3.76 29.54 0.61
C SER B 183 -4.46 28.20 0.35
N LEU B 184 -5.74 28.25 -0.03
CA LEU B 184 -6.43 27.04 -0.41
C LEU B 184 -7.50 27.37 -1.44
N SER B 185 -7.90 26.35 -2.19
CA SER B 185 -9.07 26.48 -3.06
C SER B 185 -10.15 25.53 -2.60
N SER B 186 -11.40 25.94 -2.82
CA SER B 186 -12.57 25.08 -2.66
C SER B 186 -13.28 25.04 -4.01
N VAL B 187 -13.61 23.86 -4.51
CA VAL B 187 -14.27 23.78 -5.80
C VAL B 187 -15.56 22.98 -5.71
N VAL B 188 -16.42 23.12 -6.71
CA VAL B 188 -17.63 22.29 -6.76
C VAL B 188 -17.97 22.08 -8.22
N THR B 189 -18.55 20.93 -8.55
CA THR B 189 -19.03 20.72 -9.91
C THR B 189 -20.56 20.72 -9.89
N VAL B 190 -21.15 21.32 -10.90
CA VAL B 190 -22.59 21.52 -10.97
C VAL B 190 -22.98 21.33 -12.43
N PRO B 191 -24.27 21.09 -12.70
CA PRO B 191 -24.69 21.00 -14.11
C PRO B 191 -24.50 22.35 -14.79
N SER B 192 -23.94 22.35 -16.00
CA SER B 192 -23.68 23.63 -16.66
C SER B 192 -24.98 24.42 -16.91
N SER B 193 -26.09 23.72 -17.13
CA SER B 193 -27.36 24.39 -17.37
C SER B 193 -27.90 25.14 -16.15
N SER B 194 -27.38 24.82 -14.97
CA SER B 194 -27.83 25.54 -13.78
C SER B 194 -27.04 26.84 -13.56
N LEU B 195 -26.03 27.10 -14.39
CA LEU B 195 -25.22 28.30 -14.25
C LEU B 195 -26.01 29.58 -14.51
N GLY B 196 -27.10 29.43 -15.26
CA GLY B 196 -27.90 30.59 -15.63
C GLY B 196 -29.10 30.82 -14.73
N THR B 197 -29.37 29.88 -13.82
CA THR B 197 -30.57 29.99 -12.99
C THR B 197 -30.27 29.94 -11.48
N GLN B 198 -29.21 29.22 -11.09
CA GLN B 198 -28.80 29.18 -9.69
C GLN B 198 -27.70 30.19 -9.41
N THR B 199 -27.59 30.61 -8.16
CA THR B 199 -26.45 31.40 -7.73
C THR B 199 -25.47 30.51 -6.97
N TYR B 200 -24.17 30.77 -7.14
CA TYR B 200 -23.16 30.03 -6.40
C TYR B 200 -22.30 30.99 -5.60
N ILE B 201 -22.34 30.79 -4.30
CA ILE B 201 -21.62 31.64 -3.37
C ILE B 201 -20.78 30.75 -2.48
N CYS B 202 -19.49 31.03 -2.40
CA CYS B 202 -18.67 30.39 -1.38
C CYS B 202 -18.65 31.27 -0.15
N ASN B 203 -19.08 30.70 0.98
CA ASN B 203 -19.07 31.41 2.24
C ASN B 203 -17.78 31.11 2.98
N VAL B 204 -16.97 32.14 3.15
CA VAL B 204 -15.65 31.97 3.73
C VAL B 204 -15.66 32.61 5.11
N ASN B 205 -15.11 31.91 6.10
CA ASN B 205 -15.01 32.44 7.45
C ASN B 205 -13.63 32.17 8.00
N HIS B 206 -12.85 33.22 8.21
CA HIS B 206 -11.55 33.09 8.84
C HIS B 206 -11.66 33.65 10.25
N LYS B 207 -12.06 32.80 11.19
CA LYS B 207 -12.31 33.23 12.57
C LYS B 207 -11.17 33.96 13.29
N PRO B 208 -9.90 33.53 13.13
CA PRO B 208 -8.84 34.23 13.86
C PRO B 208 -8.72 35.72 13.53
N SER B 209 -9.16 36.13 12.35
CA SER B 209 -9.11 37.54 11.98
C SER B 209 -10.50 38.13 11.97
N ASN B 210 -11.49 37.34 12.37
CA ASN B 210 -12.90 37.72 12.28
C ASN B 210 -13.30 38.20 10.88
N THR B 211 -12.89 37.48 9.85
CA THR B 211 -13.18 37.88 8.47
C THR B 211 -14.19 36.93 7.85
N LYS B 212 -15.37 37.44 7.52
CA LYS B 212 -16.34 36.68 6.74
C LYS B 212 -16.60 37.34 5.38
N VAL B 213 -16.49 36.54 4.33
CA VAL B 213 -16.68 37.02 2.97
C VAL B 213 -17.54 36.00 2.22
N ASP B 214 -18.58 36.48 1.57
CA ASP B 214 -19.34 35.64 0.67
C ASP B 214 -18.99 36.07 -0.74
N LYS B 215 -18.38 35.17 -1.49
CA LYS B 215 -18.01 35.47 -2.87
C LYS B 215 -18.95 34.80 -3.82
N ARG B 216 -19.62 35.58 -4.66
CA ARG B 216 -20.43 35.05 -5.74
C ARG B 216 -19.52 34.66 -6.91
N VAL B 217 -19.72 33.46 -7.45
CA VAL B 217 -18.90 33.00 -8.57
C VAL B 217 -19.75 32.78 -9.80
N GLU B 218 -19.44 33.51 -10.88
CA GLU B 218 -20.23 33.50 -12.12
C GLU B 218 -19.34 33.25 -13.32
N PRO B 219 -19.93 32.71 -14.41
CA PRO B 219 -19.27 32.58 -15.70
C PRO B 219 -18.76 33.94 -16.14
N LYS B 220 -17.55 33.97 -16.69
CA LYS B 220 -16.91 35.22 -17.08
C LYS B 220 -17.29 35.60 -18.50
N ASP C 1 -11.28 -28.32 11.03
CA ASP C 1 -9.89 -27.88 11.11
C ASP C 1 -9.78 -26.48 11.69
N ILE C 2 -8.61 -26.19 12.26
CA ILE C 2 -8.31 -24.87 12.81
C ILE C 2 -8.01 -23.91 11.68
N LEU C 3 -8.73 -22.79 11.65
CA LEU C 3 -8.45 -21.74 10.67
C LEU C 3 -7.50 -20.71 11.27
N LEU C 4 -6.41 -20.44 10.55
CA LEU C 4 -5.43 -19.44 10.98
C LEU C 4 -5.58 -18.18 10.14
N THR C 5 -5.84 -17.06 10.81
CA THR C 5 -6.03 -15.79 10.11
C THR C 5 -4.78 -14.94 10.28
N GLN C 6 -4.09 -14.67 9.19
CA GLN C 6 -2.93 -13.79 9.24
C GLN C 6 -3.32 -12.38 8.79
N SER C 7 -2.74 -11.38 9.45
CA SER C 7 -2.97 -9.99 9.09
C SER C 7 -1.72 -9.15 9.35
N PRO C 8 -1.55 -8.06 8.58
CA PRO C 8 -2.35 -7.74 7.40
C PRO C 8 -1.98 -8.69 6.26
N VAL C 9 -2.66 -8.57 5.13
CA VAL C 9 -2.36 -9.40 3.97
C VAL C 9 -1.04 -8.92 3.35
N ILE C 10 -0.80 -7.63 3.45
CA ILE C 10 0.42 -7.04 2.94
C ILE C 10 1.00 -6.09 3.97
N LEU C 11 2.26 -6.30 4.31
CA LEU C 11 2.93 -5.44 5.27
C LEU C 11 4.01 -4.65 4.54
N SER C 12 3.89 -3.32 4.53
CA SER C 12 4.89 -2.49 3.88
C SER C 12 5.67 -1.66 4.89
N VAL C 13 6.99 -1.75 4.82
CA VAL C 13 7.86 -1.27 5.90
C VAL C 13 9.18 -0.74 5.34
N SER C 14 9.80 0.21 6.05
CA SER C 14 11.13 0.70 5.69
C SER C 14 12.21 -0.02 6.50
N PRO C 15 13.41 -0.20 5.90
CA PRO C 15 14.52 -0.89 6.59
C PRO C 15 14.87 -0.26 7.93
N GLY C 16 15.15 -1.09 8.92
CA GLY C 16 15.48 -0.60 10.24
C GLY C 16 14.30 -0.63 11.18
N GLU C 17 13.09 -0.57 10.63
CA GLU C 17 11.88 -0.62 11.44
C GLU C 17 11.66 -1.99 12.08
N ARG C 18 10.94 -1.98 13.20
CA ARG C 18 10.49 -3.21 13.84
C ARG C 18 9.16 -3.62 13.22
N VAL C 19 9.06 -4.90 12.88
CA VAL C 19 7.94 -5.42 12.10
C VAL C 19 7.20 -6.52 12.90
N SER C 20 5.87 -6.48 12.90
CA SER C 20 5.08 -7.52 13.58
C SER C 20 4.02 -8.16 12.68
N PHE C 21 4.05 -9.50 12.61
CA PHE C 21 3.07 -10.28 11.87
C PHE C 21 2.10 -10.93 12.86
N SER C 22 0.82 -10.74 12.65
CA SER C 22 -0.16 -11.36 13.52
C SER C 22 -0.77 -12.62 12.89
N CYS C 23 -0.96 -13.65 13.72
CA CYS C 23 -1.60 -14.90 13.34
C CYS C 23 -2.59 -15.25 14.44
N ARG C 24 -3.87 -15.30 14.09
CA ARG C 24 -4.92 -15.58 15.06
C ARG C 24 -5.56 -16.92 14.77
N ALA C 25 -5.60 -17.81 15.78
CA ALA C 25 -6.21 -19.13 15.64
C ALA C 25 -7.70 -19.10 15.94
N SER C 26 -8.48 -19.87 15.19
CA SER C 26 -9.93 -19.91 15.37
C SER C 26 -10.31 -20.54 16.70
N GLN C 27 -9.38 -21.24 17.35
CA GLN C 27 -9.59 -21.63 18.74
C GLN C 27 -8.25 -21.71 19.44
N SER C 28 -8.29 -21.88 20.76
CA SER C 28 -7.06 -21.98 21.53
C SER C 28 -6.20 -23.15 21.05
N ILE C 29 -4.90 -22.89 20.93
CA ILE C 29 -3.95 -23.89 20.46
C ILE C 29 -2.68 -23.83 21.31
N GLY C 30 -2.77 -23.26 22.50
CA GLY C 30 -1.63 -23.18 23.40
C GLY C 30 -0.47 -22.43 22.79
N THR C 31 0.70 -23.07 22.70
CA THR C 31 1.83 -22.46 22.01
C THR C 31 2.22 -23.25 20.75
N ASN C 32 1.28 -24.03 20.22
CA ASN C 32 1.59 -24.93 19.11
C ASN C 32 1.53 -24.23 17.75
N ILE C 33 2.41 -23.25 17.57
CA ILE C 33 2.46 -22.50 16.33
C ILE C 33 3.93 -22.43 15.85
N HIS C 34 4.13 -22.59 14.54
CA HIS C 34 5.46 -22.46 13.96
C HIS C 34 5.41 -21.42 12.84
N TRP C 35 6.54 -20.76 12.59
CA TRP C 35 6.58 -19.71 11.58
C TRP C 35 7.59 -20.02 10.49
N TYR C 36 7.24 -19.67 9.25
CA TYR C 36 8.05 -19.92 8.06
C TYR C 36 8.28 -18.66 7.24
N GLN C 37 9.46 -18.56 6.66
CA GLN C 37 9.71 -17.53 5.67
C GLN C 37 9.74 -18.21 4.31
N GLN C 38 9.13 -17.59 3.31
CA GLN C 38 9.26 -18.12 1.96
C GLN C 38 9.63 -17.04 0.98
N ARG C 39 10.86 -17.11 0.49
CA ARG C 39 11.35 -16.12 -0.46
C ARG C 39 10.84 -16.47 -1.85
N THR C 40 10.89 -15.49 -2.75
CA THR C 40 10.53 -15.69 -4.14
C THR C 40 11.29 -16.89 -4.71
N ASN C 41 10.56 -17.78 -5.38
CA ASN C 41 11.11 -19.01 -5.97
C ASN C 41 11.71 -19.98 -4.96
N GLY C 42 11.48 -19.74 -3.67
CA GLY C 42 12.04 -20.61 -2.65
C GLY C 42 11.04 -21.48 -1.91
N SER C 43 11.57 -22.50 -1.24
CA SER C 43 10.79 -23.37 -0.37
C SER C 43 10.64 -22.69 0.99
N PRO C 44 9.64 -23.10 1.79
CA PRO C 44 9.50 -22.46 3.10
C PRO C 44 10.73 -22.73 3.99
N ARG C 45 11.01 -21.79 4.87
CA ARG C 45 12.16 -21.83 5.76
C ARG C 45 11.66 -21.60 7.19
N LEU C 46 11.87 -22.59 8.07
CA LEU C 46 11.37 -22.52 9.44
C LEU C 46 12.12 -21.45 10.24
N LEU C 47 11.37 -20.52 10.85
CA LEU C 47 11.97 -19.39 11.55
C LEU C 47 11.90 -19.54 13.06
N ILE C 48 10.73 -19.97 13.54
CA ILE C 48 10.43 -20.06 14.96
C ILE C 48 9.57 -21.30 15.17
N LYS C 49 9.86 -22.07 16.22
CA LYS C 49 8.99 -23.19 16.58
C LYS C 49 8.33 -22.98 17.93
N TYR C 50 7.14 -23.56 18.09
CA TYR C 50 6.38 -23.50 19.34
C TYR C 50 6.27 -22.08 19.87
N ALA C 51 5.85 -21.17 18.98
CA ALA C 51 5.56 -19.77 19.31
C ALA C 51 6.78 -18.86 19.53
N SER C 52 7.80 -19.36 20.22
CA SER C 52 8.85 -18.49 20.72
C SER C 52 10.25 -19.08 20.61
N GLU C 53 10.34 -20.37 20.31
CA GLU C 53 11.64 -21.06 20.35
C GLU C 53 12.44 -20.83 19.07
N SER C 54 13.72 -20.51 19.24
CA SER C 54 14.59 -20.19 18.13
C SER C 54 15.07 -21.41 17.35
N ILE C 55 15.49 -21.17 16.11
CA ILE C 55 15.92 -22.22 15.20
C ILE C 55 17.38 -21.95 14.87
N SER C 56 18.20 -23.00 14.79
CA SER C 56 19.62 -22.75 14.55
C SER C 56 19.85 -22.22 13.14
N GLY C 57 20.66 -21.17 13.03
CA GLY C 57 20.96 -20.59 11.73
C GLY C 57 20.08 -19.41 11.38
N ILE C 58 18.99 -19.22 12.13
CA ILE C 58 18.11 -18.07 11.88
C ILE C 58 18.67 -16.84 12.58
N PRO C 59 18.73 -15.70 11.88
CA PRO C 59 19.28 -14.47 12.45
C PRO C 59 18.54 -14.05 13.72
N SER C 60 19.26 -13.41 14.64
CA SER C 60 18.74 -13.05 15.96
C SER C 60 17.55 -12.11 15.88
N ARG C 61 17.41 -11.42 14.76
CA ARG C 61 16.40 -10.37 14.65
C ARG C 61 14.98 -10.94 14.58
N PHE C 62 14.87 -12.23 14.27
CA PHE C 62 13.58 -12.92 14.26
C PHE C 62 13.25 -13.51 15.61
N SER C 63 12.08 -13.13 16.16
CA SER C 63 11.56 -13.72 17.39
C SER C 63 10.05 -13.93 17.27
N GLY C 64 9.48 -14.72 18.17
CA GLY C 64 8.04 -14.93 18.21
C GLY C 64 7.48 -14.93 19.63
N SER C 65 6.19 -14.63 19.75
CA SER C 65 5.52 -14.64 21.05
C SER C 65 4.03 -14.95 20.92
N GLY C 66 3.41 -15.23 22.05
CA GLY C 66 1.97 -15.45 22.09
C GLY C 66 1.57 -16.83 22.60
N SER C 67 0.34 -16.92 23.09
CA SER C 67 -0.24 -18.14 23.62
C SER C 67 -1.75 -18.09 23.40
N GLY C 68 -2.37 -19.25 23.28
CA GLY C 68 -3.81 -19.31 23.17
C GLY C 68 -4.27 -19.15 21.73
N THR C 69 -4.62 -17.92 21.35
CA THR C 69 -5.14 -17.69 20.01
C THR C 69 -4.37 -16.66 19.20
N ASP C 70 -3.72 -15.72 19.89
CA ASP C 70 -3.05 -14.60 19.23
C ASP C 70 -1.54 -14.73 19.23
N PHE C 71 -0.94 -14.80 18.04
CA PHE C 71 0.48 -15.05 17.91
C PHE C 71 1.18 -13.99 17.08
N THR C 72 2.44 -13.72 17.42
CA THR C 72 3.19 -12.64 16.78
C THR C 72 4.60 -13.08 16.37
N LEU C 73 4.93 -12.86 15.11
CA LEU C 73 6.28 -13.01 14.62
C LEU C 73 6.89 -11.62 14.51
N SER C 74 8.05 -11.41 15.14
CA SER C 74 8.67 -10.07 15.13
C SER C 74 10.02 -10.06 14.42
N ILE C 75 10.25 -9.00 13.65
CA ILE C 75 11.58 -8.68 13.18
C ILE C 75 11.95 -7.35 13.77
N ASN C 76 12.96 -7.32 14.65
CA ASN C 76 13.25 -6.10 15.40
C ASN C 76 13.82 -4.97 14.54
N SER C 77 14.63 -5.33 13.56
CA SER C 77 15.20 -4.37 12.63
C SER C 77 15.19 -5.05 11.28
N VAL C 78 14.19 -4.75 10.47
CA VAL C 78 14.01 -5.45 9.20
C VAL C 78 15.07 -5.02 8.20
N GLU C 79 15.48 -5.96 7.35
CA GLU C 79 16.52 -5.71 6.36
C GLU C 79 15.95 -5.98 4.98
N SER C 80 16.62 -5.48 3.95
CA SER C 80 16.12 -5.60 2.59
C SER C 80 15.93 -7.05 2.18
N GLU C 81 16.80 -7.94 2.65
CA GLU C 81 16.71 -9.35 2.27
C GLU C 81 15.59 -10.10 2.98
N ASP C 82 14.87 -9.42 3.86
CA ASP C 82 13.74 -10.04 4.55
C ASP C 82 12.45 -10.05 3.73
N ILE C 83 12.49 -9.47 2.53
CA ILE C 83 11.34 -9.54 1.63
C ILE C 83 10.99 -10.99 1.33
N ALA C 84 9.73 -11.34 1.60
CA ALA C 84 9.28 -12.72 1.46
C ALA C 84 7.82 -12.78 1.86
N ASP C 85 7.24 -13.96 1.73
CA ASP C 85 5.95 -14.23 2.34
C ASP C 85 6.21 -14.97 3.64
N TYR C 86 5.41 -14.67 4.66
CA TYR C 86 5.57 -15.25 5.98
C TYR C 86 4.31 -16.01 6.40
N TYR C 87 4.50 -17.27 6.81
CA TYR C 87 3.39 -18.14 7.16
C TYR C 87 3.45 -18.67 8.59
N CYS C 88 2.30 -18.76 9.23
CA CYS C 88 2.20 -19.46 10.49
C CYS C 88 1.57 -20.83 10.24
N GLN C 89 1.77 -21.75 11.20
CA GLN C 89 1.28 -23.12 11.10
C GLN C 89 0.92 -23.58 12.50
N GLN C 90 -0.28 -24.12 12.68
CA GLN C 90 -0.65 -24.70 13.97
C GLN C 90 -0.55 -26.21 13.90
N ASN C 91 -0.20 -26.83 15.02
CA ASN C 91 -0.24 -28.28 15.13
C ASN C 91 -0.74 -28.75 16.50
N ASN C 92 -1.71 -28.03 17.04
CA ASN C 92 -2.39 -28.49 18.24
C ASN C 92 -3.47 -29.50 17.90
N ASN C 93 -4.06 -29.35 16.71
CA ASN C 93 -5.15 -30.21 16.27
C ASN C 93 -4.90 -30.76 14.88
N TRP C 94 -5.06 -32.08 14.73
CA TRP C 94 -4.88 -32.72 13.43
C TRP C 94 -6.07 -32.34 12.55
N PRO C 95 -5.83 -32.02 11.28
CA PRO C 95 -4.52 -31.96 10.61
C PRO C 95 -3.84 -30.61 10.85
N THR C 96 -2.51 -30.61 10.83
CA THR C 96 -1.77 -29.36 10.87
C THR C 96 -2.23 -28.49 9.70
N THR C 97 -2.39 -27.19 9.96
CA THR C 97 -2.86 -26.24 8.94
C THR C 97 -2.00 -24.99 8.95
N PHE C 98 -2.02 -24.26 7.84
CA PHE C 98 -1.23 -23.05 7.68
C PHE C 98 -2.13 -21.86 7.45
N GLY C 99 -1.66 -20.66 7.82
CA GLY C 99 -2.30 -19.43 7.42
C GLY C 99 -2.11 -19.11 5.94
N ALA C 100 -2.81 -18.06 5.46
CA ALA C 100 -2.74 -17.64 4.05
C ALA C 100 -1.50 -16.81 3.77
N GLY C 101 -0.81 -16.39 4.82
CA GLY C 101 0.43 -15.67 4.68
C GLY C 101 0.29 -14.16 4.69
N THR C 102 1.38 -13.50 5.05
CA THR C 102 1.50 -12.06 4.93
C THR C 102 2.70 -11.77 4.05
N LYS C 103 2.49 -10.98 3.00
CA LYS C 103 3.57 -10.60 2.12
C LYS C 103 4.30 -9.37 2.70
N LEU C 104 5.61 -9.46 2.85
CA LEU C 104 6.38 -8.34 3.41
C LEU C 104 7.03 -7.57 2.29
N GLU C 105 6.70 -6.29 2.18
CA GLU C 105 7.25 -5.43 1.15
C GLU C 105 8.12 -4.36 1.79
N LEU C 106 9.16 -3.95 1.08
CA LEU C 106 10.05 -2.93 1.60
C LEU C 106 9.96 -1.61 0.86
N LYS C 107 9.83 -0.55 1.64
CA LYS C 107 9.82 0.81 1.11
C LYS C 107 11.25 1.26 0.85
N ARG C 108 11.42 2.12 -0.15
CA ARG C 108 12.71 2.71 -0.44
C ARG C 108 12.41 4.01 -1.17
N THR C 109 13.45 4.75 -1.53
CA THR C 109 13.27 6.00 -2.24
C THR C 109 12.84 5.73 -3.68
N VAL C 110 12.22 6.72 -4.30
CA VAL C 110 11.80 6.64 -5.69
C VAL C 110 13.05 6.47 -6.57
N ALA C 111 12.96 5.57 -7.54
CA ALA C 111 14.03 5.40 -8.50
C ALA C 111 13.42 5.18 -9.88
N ALA C 112 13.83 6.01 -10.84
CA ALA C 112 13.37 5.92 -12.22
C ALA C 112 13.91 4.66 -12.90
N PRO C 113 13.15 4.11 -13.86
CA PRO C 113 13.63 2.94 -14.57
C PRO C 113 14.66 3.34 -15.62
N SER C 114 15.60 2.44 -15.90
CA SER C 114 16.46 2.58 -17.07
C SER C 114 15.80 1.74 -18.14
N VAL C 115 15.62 2.32 -19.32
CA VAL C 115 14.79 1.70 -20.33
C VAL C 115 15.64 1.20 -21.47
N PHE C 116 15.31 0.02 -21.99
CA PHE C 116 16.04 -0.56 -23.11
C PHE C 116 15.01 -1.17 -24.07
N ILE C 117 15.26 -1.04 -25.37
CA ILE C 117 14.39 -1.66 -26.36
C ILE C 117 15.16 -2.72 -27.17
N PHE C 118 14.49 -3.80 -27.53
CA PHE C 118 15.12 -4.87 -28.29
C PHE C 118 14.30 -5.22 -29.52
N PRO C 119 14.92 -5.14 -30.71
CA PRO C 119 14.19 -5.52 -31.92
C PRO C 119 14.03 -7.03 -31.95
N PRO C 120 13.11 -7.55 -32.78
CA PRO C 120 13.03 -8.98 -32.98
C PRO C 120 14.28 -9.46 -33.71
N SER C 121 14.63 -10.73 -33.55
CA SER C 121 15.76 -11.30 -34.24
C SER C 121 15.32 -11.80 -35.61
N ASP C 122 16.27 -11.89 -36.53
CA ASP C 122 15.98 -12.47 -37.84
C ASP C 122 15.54 -13.92 -37.69
N GLU C 123 16.13 -14.60 -36.71
CA GLU C 123 15.78 -16.00 -36.43
C GLU C 123 14.28 -16.16 -36.15
N GLN C 124 13.74 -15.29 -35.30
CA GLN C 124 12.33 -15.39 -34.98
C GLN C 124 11.45 -15.11 -36.20
N LEU C 125 11.82 -14.08 -36.97
CA LEU C 125 11.04 -13.64 -38.13
C LEU C 125 10.73 -14.78 -39.10
N LYS C 126 11.66 -15.73 -39.20
CA LYS C 126 11.45 -16.93 -40.00
C LYS C 126 10.17 -17.68 -39.59
N SER C 127 9.78 -17.55 -38.34
CA SER C 127 8.63 -18.28 -37.80
C SER C 127 7.31 -17.57 -38.11
N GLY C 128 7.39 -16.38 -38.70
CA GLY C 128 6.18 -15.63 -39.05
C GLY C 128 5.68 -14.69 -37.96
N THR C 129 6.43 -14.59 -36.86
CA THR C 129 6.08 -13.73 -35.73
C THR C 129 7.26 -12.87 -35.29
N ALA C 130 6.97 -11.62 -34.90
CA ALA C 130 7.96 -10.69 -34.35
C ALA C 130 7.63 -10.29 -32.93
N SER C 131 8.57 -10.52 -32.01
CA SER C 131 8.45 -10.03 -30.65
C SER C 131 9.37 -8.84 -30.42
N VAL C 132 8.79 -7.73 -29.95
CA VAL C 132 9.58 -6.55 -29.63
C VAL C 132 9.53 -6.33 -28.14
N VAL C 133 10.70 -6.17 -27.53
CA VAL C 133 10.74 -6.18 -26.07
C VAL C 133 11.27 -4.88 -25.50
N CYS C 134 10.61 -4.41 -24.45
CA CYS C 134 11.06 -3.23 -23.77
C CYS C 134 11.34 -3.61 -22.31
N LEU C 135 12.50 -3.22 -21.81
CA LEU C 135 12.90 -3.55 -20.45
C LEU C 135 12.94 -2.28 -19.62
N LEU C 136 12.30 -2.30 -18.45
CA LEU C 136 12.37 -1.19 -17.50
C LEU C 136 13.12 -1.73 -16.29
N ASN C 137 14.30 -1.21 -16.03
CA ASN C 137 15.18 -1.88 -15.10
C ASN C 137 15.33 -1.11 -13.79
N ASN C 138 15.28 -1.86 -12.69
CA ASN C 138 15.57 -1.37 -11.34
C ASN C 138 14.88 -0.06 -10.93
N PHE C 139 13.55 -0.11 -10.82
CA PHE C 139 12.80 1.09 -10.47
C PHE C 139 11.96 0.87 -9.22
N TYR C 140 11.49 1.97 -8.64
CA TYR C 140 10.59 1.97 -7.50
C TYR C 140 9.83 3.31 -7.53
N PRO C 141 8.52 3.31 -7.27
CA PRO C 141 7.70 2.14 -6.93
C PRO C 141 7.32 1.29 -8.13
N ARG C 142 6.52 0.26 -7.86
CA ARG C 142 6.19 -0.78 -8.83
C ARG C 142 5.40 -0.27 -10.03
N GLU C 143 4.51 0.68 -9.82
CA GLU C 143 3.64 1.16 -10.89
C GLU C 143 4.40 1.89 -12.00
N ALA C 144 4.12 1.52 -13.24
CA ALA C 144 4.79 2.09 -14.40
C ALA C 144 3.93 1.86 -15.61
N LYS C 145 3.97 2.78 -16.56
CA LYS C 145 3.20 2.61 -17.78
C LYS C 145 4.11 2.53 -19.00
N VAL C 146 3.91 1.47 -19.78
CA VAL C 146 4.61 1.29 -21.04
C VAL C 146 3.63 1.42 -22.20
N GLN C 147 3.91 2.32 -23.12
CA GLN C 147 3.12 2.43 -24.34
C GLN C 147 3.96 2.15 -25.57
N TRP C 148 3.43 1.27 -26.43
CA TRP C 148 4.11 0.91 -27.66
C TRP C 148 3.51 1.73 -28.79
N LYS C 149 4.39 2.29 -29.61
CA LYS C 149 3.96 3.02 -30.79
C LYS C 149 4.68 2.46 -32.00
N VAL C 150 3.93 2.18 -33.06
CA VAL C 150 4.49 1.67 -34.30
C VAL C 150 4.15 2.69 -35.40
N ASP C 151 5.16 3.30 -36.00
CA ASP C 151 4.96 4.47 -36.87
C ASP C 151 3.96 5.44 -36.25
N ASN C 152 4.08 5.66 -34.94
CA ASN C 152 3.28 6.65 -34.20
C ASN C 152 1.84 6.22 -33.92
N ALA C 153 1.50 4.96 -34.22
CA ALA C 153 0.19 4.43 -33.88
C ALA C 153 0.29 3.75 -32.52
N LEU C 154 -0.53 4.21 -31.58
CA LEU C 154 -0.58 3.59 -30.26
C LEU C 154 -1.06 2.14 -30.38
N GLN C 155 -0.27 1.21 -29.89
CA GLN C 155 -0.65 -0.19 -29.90
C GLN C 155 -1.55 -0.49 -28.70
N SER C 156 -2.52 -1.37 -28.91
CA SER C 156 -3.44 -1.75 -27.84
C SER C 156 -3.89 -3.18 -28.03
N GLY C 157 -3.61 -4.01 -27.03
CA GLY C 157 -4.15 -5.36 -27.00
C GLY C 157 -3.18 -6.41 -27.49
N ASN C 158 -2.00 -6.00 -27.93
CA ASN C 158 -0.99 -6.94 -28.43
C ASN C 158 0.34 -6.88 -27.66
N SER C 159 0.29 -6.44 -26.41
CA SER C 159 1.45 -6.50 -25.54
C SER C 159 1.11 -7.18 -24.22
N GLN C 160 2.11 -7.80 -23.63
CA GLN C 160 1.98 -8.36 -22.28
C GLN C 160 3.20 -7.95 -21.46
N GLU C 161 2.99 -7.77 -20.16
CA GLU C 161 4.02 -7.30 -19.25
C GLU C 161 4.23 -8.34 -18.17
N SER C 162 5.45 -8.35 -17.63
CA SER C 162 5.81 -9.21 -16.52
C SER C 162 6.66 -8.37 -15.56
N VAL C 163 6.47 -8.55 -14.26
CA VAL C 163 7.22 -7.77 -13.28
C VAL C 163 7.88 -8.72 -12.29
N THR C 164 9.15 -8.47 -11.96
CA THR C 164 9.83 -9.29 -10.96
C THR C 164 9.37 -8.92 -9.56
N GLU C 165 9.74 -9.74 -8.58
CA GLU C 165 9.53 -9.38 -7.17
C GLU C 165 10.64 -8.42 -6.78
N GLN C 166 10.48 -7.75 -5.63
CA GLN C 166 11.48 -6.80 -5.18
C GLN C 166 12.85 -7.43 -5.06
N ASP C 167 13.88 -6.69 -5.47
CA ASP C 167 15.25 -7.18 -5.34
C ASP C 167 15.65 -7.24 -3.86
N SER C 168 16.30 -8.32 -3.46
CA SER C 168 16.63 -8.52 -2.05
C SER C 168 17.72 -7.55 -1.56
N LYS C 169 18.41 -6.90 -2.49
CA LYS C 169 19.48 -5.97 -2.10
C LYS C 169 19.08 -4.49 -2.20
N ASP C 170 18.45 -4.08 -3.30
CA ASP C 170 18.14 -2.66 -3.48
C ASP C 170 16.65 -2.35 -3.44
N SER C 171 15.83 -3.39 -3.24
CA SER C 171 14.37 -3.26 -3.12
C SER C 171 13.65 -2.66 -4.35
N THR C 172 14.28 -2.74 -5.53
CA THR C 172 13.66 -2.26 -6.75
C THR C 172 12.88 -3.35 -7.50
N TYR C 173 12.10 -2.93 -8.48
CA TYR C 173 11.43 -3.84 -9.40
C TYR C 173 12.05 -3.75 -10.80
N SER C 174 11.86 -4.78 -11.61
CA SER C 174 12.10 -4.63 -13.05
C SER C 174 10.89 -5.14 -13.81
N LEU C 175 10.71 -4.66 -15.04
CA LEU C 175 9.54 -5.00 -15.83
C LEU C 175 9.95 -5.20 -17.30
N SER C 176 9.37 -6.20 -17.95
CA SER C 176 9.53 -6.35 -19.39
C SER C 176 8.17 -6.34 -20.04
N SER C 177 8.03 -5.56 -21.10
CA SER C 177 6.85 -5.57 -21.94
C SER C 177 7.20 -6.16 -23.30
N THR C 178 6.41 -7.13 -23.75
CA THR C 178 6.61 -7.74 -25.06
C THR C 178 5.48 -7.38 -26.01
N LEU C 179 5.82 -6.75 -27.13
CA LEU C 179 4.85 -6.44 -28.17
C LEU C 179 4.92 -7.53 -29.24
N THR C 180 3.79 -8.16 -29.55
CA THR C 180 3.77 -9.25 -30.51
C THR C 180 3.07 -8.82 -31.80
N LEU C 181 3.77 -8.96 -32.92
CA LEU C 181 3.25 -8.59 -34.23
C LEU C 181 3.44 -9.76 -35.19
N SER C 182 2.55 -9.90 -36.15
CA SER C 182 2.84 -10.81 -37.27
C SER C 182 4.07 -10.28 -38.01
N LYS C 183 4.78 -11.16 -38.70
CA LYS C 183 5.91 -10.73 -39.51
C LYS C 183 5.46 -9.72 -40.57
N ALA C 184 4.30 -9.96 -41.18
CA ALA C 184 3.79 -9.06 -42.19
C ALA C 184 3.56 -7.64 -41.66
N ASP C 185 2.95 -7.53 -40.47
CA ASP C 185 2.73 -6.21 -39.87
C ASP C 185 4.07 -5.55 -39.54
N TYR C 186 5.00 -6.33 -38.98
CA TYR C 186 6.33 -5.79 -38.64
C TYR C 186 7.05 -5.19 -39.87
N GLU C 187 7.03 -5.92 -40.97
CA GLU C 187 7.70 -5.48 -42.18
C GLU C 187 7.01 -4.27 -42.84
N LYS C 188 5.77 -3.99 -42.46
CA LYS C 188 5.02 -2.89 -43.02
C LYS C 188 5.33 -1.54 -42.37
N HIS C 189 6.10 -1.57 -41.29
CA HIS C 189 6.27 -0.35 -40.52
C HIS C 189 7.73 -0.09 -40.20
N LYS C 190 8.07 1.12 -39.78
CA LYS C 190 9.47 1.49 -39.63
C LYS C 190 9.94 1.79 -38.21
N VAL C 191 9.23 2.69 -37.55
CA VAL C 191 9.67 3.20 -36.27
C VAL C 191 8.96 2.47 -35.16
N TYR C 192 9.76 1.85 -34.28
CA TYR C 192 9.25 1.08 -33.16
C TYR C 192 9.69 1.76 -31.87
N ALA C 193 8.74 2.14 -31.04
CA ALA C 193 9.06 2.93 -29.86
C ALA C 193 8.31 2.44 -28.64
N CYS C 194 9.01 2.34 -27.52
CA CYS C 194 8.28 2.20 -26.27
C CYS C 194 8.50 3.43 -25.41
N GLU C 195 7.39 3.98 -24.93
CA GLU C 195 7.39 5.19 -24.15
C GLU C 195 7.01 4.81 -22.74
N VAL C 196 7.80 5.27 -21.78
CA VAL C 196 7.68 4.84 -20.41
C VAL C 196 7.38 6.02 -19.51
N THR C 197 6.32 5.90 -18.72
CA THR C 197 6.01 6.92 -17.73
C THR C 197 6.10 6.30 -16.34
N HIS C 198 6.60 7.07 -15.38
CA HIS C 198 6.83 6.54 -14.04
C HIS C 198 6.93 7.70 -13.07
N GLN C 199 6.49 7.48 -11.83
CA GLN C 199 6.57 8.51 -10.80
C GLN C 199 7.96 9.17 -10.72
N GLY C 200 9.02 8.40 -10.95
CA GLY C 200 10.38 8.91 -10.93
C GLY C 200 10.86 9.64 -12.18
N LEU C 201 10.02 9.70 -13.21
CA LEU C 201 10.37 10.43 -14.42
C LEU C 201 9.56 11.73 -14.53
N SER C 202 10.27 12.84 -14.70
CA SER C 202 9.63 14.16 -14.85
C SER C 202 8.86 14.25 -16.17
N SER C 203 9.39 13.60 -17.20
CA SER C 203 8.71 13.51 -18.49
C SER C 203 8.99 12.11 -19.06
N PRO C 204 8.14 11.63 -19.99
CA PRO C 204 8.30 10.22 -20.39
C PRO C 204 9.61 9.93 -21.11
N VAL C 205 10.11 8.71 -20.94
CA VAL C 205 11.30 8.28 -21.65
C VAL C 205 10.88 7.37 -22.82
N THR C 206 11.38 7.70 -24.00
CA THR C 206 11.11 6.91 -25.20
C THR C 206 12.39 6.30 -25.77
N LYS C 207 12.37 4.98 -25.95
CA LYS C 207 13.47 4.28 -26.60
C LYS C 207 12.91 3.69 -27.89
N SER C 208 13.69 3.73 -28.95
CA SER C 208 13.18 3.31 -30.25
C SER C 208 14.26 2.81 -31.21
N PHE C 209 13.84 2.11 -32.25
CA PHE C 209 14.74 1.74 -33.34
C PHE C 209 13.96 1.79 -34.65
N ASN C 210 14.69 1.87 -35.76
CA ASN C 210 14.10 1.79 -37.07
C ASN C 210 14.34 0.39 -37.64
N ARG C 211 13.27 -0.28 -38.03
CA ARG C 211 13.38 -1.61 -38.64
C ARG C 211 14.40 -1.56 -39.76
N GLY C 212 15.35 -2.49 -39.71
CA GLY C 212 16.41 -2.57 -40.69
C GLY C 212 17.26 -1.30 -40.76
N GLU C 213 17.90 -0.97 -39.64
CA GLU C 213 18.82 0.17 -39.62
C GLU C 213 19.97 -0.14 -38.67
N GLN D 1 25.02 -32.96 4.74
CA GLN D 1 23.88 -32.25 5.30
C GLN D 1 22.55 -32.90 4.90
N VAL D 2 21.51 -32.63 5.68
CA VAL D 2 20.16 -33.11 5.37
C VAL D 2 19.58 -32.46 4.11
N GLN D 3 19.24 -33.28 3.12
CA GLN D 3 18.66 -32.77 1.88
C GLN D 3 17.54 -33.66 1.38
N LEU D 4 16.56 -33.03 0.72
CA LEU D 4 15.49 -33.74 0.06
C LEU D 4 15.43 -33.28 -1.39
N LYS D 5 15.50 -34.22 -2.32
CA LYS D 5 15.56 -33.84 -3.73
C LYS D 5 14.46 -34.54 -4.50
N GLN D 6 13.63 -33.74 -5.14
CA GLN D 6 12.43 -34.25 -5.78
C GLN D 6 12.64 -34.44 -7.27
N SER D 7 11.87 -35.36 -7.85
CA SER D 7 11.87 -35.58 -9.29
C SER D 7 11.37 -34.33 -10.04
N GLY D 8 11.55 -34.32 -11.35
CA GLY D 8 11.32 -33.13 -12.16
C GLY D 8 9.87 -32.69 -12.35
N PRO D 9 9.68 -31.47 -12.86
CA PRO D 9 8.35 -30.89 -13.10
C PRO D 9 7.58 -31.70 -14.15
N GLY D 10 6.27 -31.76 -14.00
CA GLY D 10 5.48 -32.62 -14.86
C GLY D 10 4.08 -32.18 -15.21
N LEU D 11 3.69 -32.53 -16.43
CA LEU D 11 2.34 -32.33 -16.92
C LEU D 11 1.48 -33.59 -16.70
N VAL D 12 0.36 -33.43 -16.00
CA VAL D 12 -0.59 -34.53 -15.81
C VAL D 12 -1.92 -34.27 -16.52
N GLN D 13 -2.41 -35.28 -17.23
CA GLN D 13 -3.70 -35.17 -17.88
C GLN D 13 -4.83 -35.28 -16.86
N PRO D 14 -5.88 -34.47 -17.03
CA PRO D 14 -7.06 -34.50 -16.16
C PRO D 14 -7.56 -35.92 -15.94
N SER D 15 -7.85 -36.26 -14.68
CA SER D 15 -8.29 -37.58 -14.24
C SER D 15 -7.19 -38.65 -14.27
N GLN D 16 -5.99 -38.29 -14.70
CA GLN D 16 -4.87 -39.22 -14.60
C GLN D 16 -4.11 -39.03 -13.27
N SER D 17 -3.05 -39.79 -13.07
CA SER D 17 -2.38 -39.79 -11.77
C SER D 17 -1.05 -39.07 -11.76
N LEU D 18 -0.67 -38.60 -10.57
CA LEU D 18 0.58 -37.88 -10.39
C LEU D 18 1.55 -38.71 -9.55
N SER D 19 2.79 -38.85 -10.03
CA SER D 19 3.81 -39.59 -9.30
C SER D 19 5.08 -38.75 -9.12
N ILE D 20 5.48 -38.59 -7.87
CA ILE D 20 6.69 -37.85 -7.51
C ILE D 20 7.60 -38.70 -6.62
N THR D 21 8.91 -38.60 -6.84
CA THR D 21 9.87 -39.27 -5.99
C THR D 21 10.67 -38.26 -5.18
N CYS D 22 10.78 -38.50 -3.88
CA CYS D 22 11.60 -37.70 -2.99
C CYS D 22 12.77 -38.55 -2.53
N THR D 23 13.98 -38.14 -2.88
CA THR D 23 15.19 -38.88 -2.53
C THR D 23 15.91 -38.10 -1.43
N VAL D 24 16.19 -38.76 -0.32
CA VAL D 24 16.74 -38.07 0.85
C VAL D 24 18.18 -38.46 1.10
N SER D 25 18.93 -37.56 1.74
CA SER D 25 20.30 -37.85 2.16
C SER D 25 20.61 -37.10 3.46
N GLY D 26 21.57 -37.58 4.22
CA GLY D 26 21.94 -36.93 5.47
C GLY D 26 21.11 -37.44 6.63
N PHE D 27 20.19 -38.36 6.35
CA PHE D 27 19.45 -39.06 7.39
C PHE D 27 18.78 -40.30 6.80
N SER D 28 18.42 -41.24 7.67
CA SER D 28 17.77 -42.47 7.25
C SER D 28 16.25 -42.38 7.33
N LEU D 29 15.57 -42.94 6.33
CA LEU D 29 14.11 -43.00 6.35
C LEU D 29 13.58 -43.84 7.50
N THR D 30 14.41 -44.72 8.06
CA THR D 30 13.95 -45.54 9.19
C THR D 30 13.91 -44.76 10.49
N ASN D 31 14.36 -43.51 10.46
CA ASN D 31 14.44 -42.71 11.67
C ASN D 31 13.57 -41.45 11.67
N TYR D 32 13.11 -41.02 10.49
CA TYR D 32 12.24 -39.85 10.39
C TYR D 32 11.05 -40.09 9.49
N GLY D 33 9.94 -39.44 9.80
CA GLY D 33 8.82 -39.39 8.86
C GLY D 33 9.14 -38.43 7.74
N VAL D 34 8.55 -38.66 6.57
CA VAL D 34 8.60 -37.67 5.49
C VAL D 34 7.17 -37.25 5.17
N HIS D 35 6.91 -35.94 5.24
CA HIS D 35 5.59 -35.39 4.98
C HIS D 35 5.50 -34.83 3.58
N TRP D 36 4.28 -34.63 3.11
CA TRP D 36 4.05 -33.98 1.83
C TRP D 36 3.10 -32.80 2.01
N VAL D 37 3.48 -31.68 1.42
CA VAL D 37 2.74 -30.43 1.51
C VAL D 37 2.66 -29.86 0.10
N ARG D 38 1.51 -29.33 -0.28
CA ARG D 38 1.40 -28.61 -1.55
C ARG D 38 1.01 -27.15 -1.37
N GLN D 39 1.29 -26.37 -2.40
CA GLN D 39 1.00 -24.94 -2.37
C GLN D 39 0.40 -24.56 -3.71
N SER D 40 -0.86 -24.12 -3.66
CA SER D 40 -1.59 -23.75 -4.87
C SER D 40 -2.12 -22.34 -4.73
N PRO D 41 -2.51 -21.73 -5.86
CA PRO D 41 -3.23 -20.45 -5.79
C PRO D 41 -4.49 -20.54 -4.93
N GLY D 42 -5.27 -21.60 -5.13
CA GLY D 42 -6.57 -21.74 -4.50
C GLY D 42 -6.59 -21.96 -3.00
N LYS D 43 -5.63 -22.71 -2.49
CA LYS D 43 -5.67 -23.12 -1.08
C LYS D 43 -4.36 -22.89 -0.32
N GLY D 44 -3.40 -22.23 -0.96
CA GLY D 44 -2.12 -21.93 -0.34
C GLY D 44 -1.40 -23.18 0.11
N LEU D 45 -0.67 -23.08 1.23
CA LEU D 45 -0.01 -24.23 1.85
C LEU D 45 -1.00 -25.21 2.50
N GLU D 46 -0.90 -26.48 2.12
CA GLU D 46 -1.83 -27.52 2.51
C GLU D 46 -1.08 -28.83 2.76
N TRP D 47 -1.18 -29.34 3.99
CA TRP D 47 -0.55 -30.61 4.36
C TRP D 47 -1.36 -31.77 3.80
N LEU D 48 -0.69 -32.69 3.12
CA LEU D 48 -1.38 -33.76 2.39
C LEU D 48 -1.30 -35.09 3.13
N GLY D 49 -0.12 -35.41 3.66
CA GLY D 49 0.08 -36.65 4.36
C GLY D 49 1.52 -36.89 4.81
N VAL D 50 1.76 -38.08 5.37
CA VAL D 50 3.06 -38.41 5.94
C VAL D 50 3.30 -39.91 5.87
N ILE D 51 4.53 -40.32 5.56
CA ILE D 51 4.92 -41.70 5.82
C ILE D 51 5.93 -41.75 6.97
N TRP D 52 5.57 -42.49 8.01
CA TRP D 52 6.35 -42.50 9.25
C TRP D 52 7.54 -43.44 9.15
N SER D 53 8.48 -43.33 10.10
CA SER D 53 9.64 -44.22 10.18
C SER D 53 9.29 -45.66 9.91
N GLY D 54 8.28 -46.17 10.61
CA GLY D 54 7.90 -47.58 10.54
C GLY D 54 7.10 -47.99 9.30
N GLY D 55 6.78 -47.03 8.45
CA GLY D 55 6.05 -47.37 7.23
C GLY D 55 4.56 -47.05 7.26
N ASN D 56 4.02 -46.78 8.46
CA ASN D 56 2.64 -46.32 8.58
C ASN D 56 2.44 -45.01 7.84
N THR D 57 1.21 -44.75 7.39
CA THR D 57 0.87 -43.49 6.74
C THR D 57 -0.37 -42.83 7.34
N ASP D 58 -0.40 -41.50 7.32
CA ASP D 58 -1.60 -40.72 7.60
C ASP D 58 -1.86 -39.83 6.37
N TYR D 59 -3.11 -39.71 5.95
CA TYR D 59 -3.46 -38.83 4.83
C TYR D 59 -4.48 -37.82 5.31
N ASN D 60 -4.30 -36.55 4.94
CA ASN D 60 -5.29 -35.54 5.28
C ASN D 60 -6.63 -35.92 4.66
N THR D 61 -7.72 -35.65 5.38
CA THR D 61 -9.03 -36.20 5.06
C THR D 61 -9.55 -35.98 3.61
N PRO D 62 -9.31 -34.80 3.01
CA PRO D 62 -9.79 -34.72 1.62
C PRO D 62 -9.01 -35.59 0.64
N PHE D 63 -7.99 -36.30 1.09
CA PHE D 63 -7.12 -37.05 0.18
C PHE D 63 -7.04 -38.55 0.47
N THR D 64 -7.73 -39.01 1.51
CA THR D 64 -7.66 -40.40 1.94
C THR D 64 -8.00 -41.38 0.81
N SER D 65 -8.88 -40.95 -0.08
CA SER D 65 -9.36 -41.80 -1.16
C SER D 65 -8.40 -41.90 -2.34
N ARG D 66 -7.62 -40.86 -2.57
CA ARG D 66 -6.88 -40.79 -3.82
C ARG D 66 -5.37 -40.64 -3.67
N LEU D 67 -4.87 -40.77 -2.45
CA LEU D 67 -3.45 -40.60 -2.21
C LEU D 67 -2.83 -41.87 -1.64
N SER D 68 -1.64 -42.22 -2.13
CA SER D 68 -0.86 -43.28 -1.52
C SER D 68 0.58 -42.81 -1.40
N ILE D 69 1.19 -43.07 -0.25
CA ILE D 69 2.58 -42.76 -0.04
C ILE D 69 3.29 -44.05 0.37
N ASN D 70 4.38 -44.36 -0.34
CA ASN D 70 5.22 -45.52 -0.02
C ASN D 70 6.67 -45.09 0.03
N LYS D 71 7.54 -46.03 0.35
CA LYS D 71 8.97 -45.73 0.38
C LYS D 71 9.83 -46.98 0.24
N ASP D 72 11.10 -46.75 -0.08
CA ASP D 72 12.11 -47.79 -0.09
C ASP D 72 13.22 -47.28 0.80
N ASN D 73 13.33 -47.84 2.00
CA ASN D 73 14.30 -47.40 2.99
C ASN D 73 15.72 -47.53 2.47
N SER D 74 16.01 -48.66 1.84
CA SER D 74 17.38 -48.95 1.38
C SER D 74 17.83 -47.98 0.29
N LYS D 75 16.90 -47.47 -0.50
CA LYS D 75 17.24 -46.53 -1.56
C LYS D 75 17.05 -45.08 -1.13
N SER D 76 16.59 -44.87 0.09
CA SER D 76 16.32 -43.53 0.62
C SER D 76 15.31 -42.78 -0.24
N GLN D 77 14.34 -43.50 -0.78
CA GLN D 77 13.35 -42.87 -1.64
C GLN D 77 11.94 -42.93 -1.05
N VAL D 78 11.20 -41.85 -1.20
CA VAL D 78 9.79 -41.81 -0.82
C VAL D 78 8.93 -41.56 -2.05
N PHE D 79 7.91 -42.39 -2.24
CA PHE D 79 7.06 -42.29 -3.41
C PHE D 79 5.67 -41.74 -3.09
N PHE D 80 5.36 -40.61 -3.72
CA PHE D 80 4.07 -39.95 -3.60
C PHE D 80 3.27 -40.24 -4.86
N LYS D 81 2.07 -40.77 -4.71
CA LYS D 81 1.19 -40.96 -5.85
C LYS D 81 -0.24 -40.53 -5.49
N MET D 82 -0.81 -39.67 -6.33
CA MET D 82 -2.17 -39.16 -6.13
C MET D 82 -3.00 -39.36 -7.39
N ASN D 83 -4.25 -39.79 -7.22
CA ASN D 83 -5.08 -40.16 -8.36
C ASN D 83 -6.12 -39.13 -8.77
N SER D 84 -6.65 -39.31 -9.97
CA SER D 84 -7.78 -38.52 -10.47
C SER D 84 -7.57 -37.01 -10.32
N LEU D 85 -6.49 -36.49 -10.87
CA LEU D 85 -6.21 -35.07 -10.72
C LEU D 85 -7.16 -34.23 -11.55
N GLN D 86 -7.53 -33.08 -11.01
CA GLN D 86 -8.30 -32.10 -11.76
C GLN D 86 -7.49 -30.81 -11.79
N SER D 87 -8.05 -29.77 -12.40
CA SER D 87 -7.31 -28.54 -12.65
C SER D 87 -6.77 -27.92 -11.38
N ASN D 88 -7.60 -27.88 -10.34
CA ASN D 88 -7.23 -27.24 -9.09
C ASN D 88 -6.27 -28.10 -8.26
N ASP D 89 -5.77 -29.18 -8.84
CA ASP D 89 -4.70 -29.95 -8.22
C ASP D 89 -3.36 -29.44 -8.75
N THR D 90 -3.42 -28.51 -9.69
CA THR D 90 -2.23 -27.81 -10.16
C THR D 90 -1.60 -27.04 -9.01
N ALA D 91 -0.33 -27.34 -8.71
CA ALA D 91 0.31 -26.76 -7.54
C ALA D 91 1.79 -27.14 -7.47
N ILE D 92 2.52 -26.53 -6.54
CA ILE D 92 3.85 -27.01 -6.20
C ILE D 92 3.71 -28.03 -5.07
N TYR D 93 4.26 -29.23 -5.28
CA TYR D 93 4.25 -30.30 -4.27
C TYR D 93 5.62 -30.44 -3.63
N TYR D 94 5.67 -30.38 -2.31
CA TYR D 94 6.92 -30.53 -1.57
C TYR D 94 6.91 -31.78 -0.71
N CYS D 95 8.05 -32.45 -0.63
CA CYS D 95 8.30 -33.36 0.49
C CYS D 95 9.01 -32.56 1.58
N ALA D 96 8.89 -33.00 2.83
CA ALA D 96 9.48 -32.26 3.94
C ALA D 96 9.82 -33.17 5.12
N ARG D 97 10.79 -32.75 5.93
CA ARG D 97 11.17 -33.48 7.13
C ARG D 97 11.16 -32.57 8.35
N ALA D 98 10.69 -33.11 9.47
CA ALA D 98 10.61 -32.36 10.72
C ALA D 98 11.92 -32.42 11.48
N LEU D 99 12.04 -31.60 12.52
CA LEU D 99 13.22 -31.62 13.37
C LEU D 99 13.37 -32.95 14.10
N THR D 100 12.24 -33.51 14.54
CA THR D 100 12.25 -34.78 15.27
C THR D 100 11.39 -35.80 14.54
N TYR D 101 11.60 -37.06 14.87
CA TYR D 101 10.93 -38.15 14.14
C TYR D 101 9.41 -38.12 14.16
N TYR D 102 8.83 -37.53 15.21
CA TYR D 102 7.40 -37.65 15.48
C TYR D 102 6.63 -36.35 15.21
N ASP D 103 7.36 -35.25 15.06
CA ASP D 103 6.76 -33.91 15.07
C ASP D 103 6.48 -33.32 13.68
N TYR D 104 6.05 -32.07 13.65
CA TYR D 104 5.56 -31.46 12.40
C TYR D 104 6.12 -30.07 12.14
N GLU D 105 7.24 -29.73 12.77
CA GLU D 105 7.88 -28.45 12.47
C GLU D 105 8.89 -28.68 11.37
N PHE D 106 8.57 -28.20 10.16
CA PHE D 106 9.30 -28.64 8.97
C PHE D 106 10.58 -27.83 8.72
N ALA D 107 11.69 -28.40 9.19
CA ALA D 107 12.99 -27.76 9.13
C ALA D 107 13.67 -27.98 7.78
N TYR D 108 13.26 -29.01 7.07
CA TYR D 108 13.88 -29.33 5.78
C TYR D 108 12.84 -29.61 4.71
N TRP D 109 13.02 -29.00 3.55
CA TRP D 109 12.07 -29.12 2.46
C TRP D 109 12.77 -29.55 1.18
N GLY D 110 12.05 -30.27 0.33
CA GLY D 110 12.50 -30.53 -1.02
C GLY D 110 12.40 -29.22 -1.77
N GLN D 111 12.84 -29.19 -3.03
CA GLN D 111 12.81 -27.95 -3.81
C GLN D 111 11.46 -27.76 -4.47
N GLY D 112 10.58 -28.74 -4.31
CA GLY D 112 9.26 -28.66 -4.91
C GLY D 112 9.19 -29.13 -6.34
N THR D 113 8.05 -29.70 -6.69
CA THR D 113 7.78 -30.15 -8.05
C THR D 113 6.52 -29.46 -8.50
N LEU D 114 6.64 -28.60 -9.52
CA LEU D 114 5.48 -27.96 -10.08
C LEU D 114 4.73 -28.98 -10.95
N VAL D 115 3.47 -29.25 -10.61
CA VAL D 115 2.68 -30.11 -11.48
C VAL D 115 1.54 -29.33 -12.12
N THR D 116 1.37 -29.53 -13.40
CA THR D 116 0.32 -28.86 -14.14
C THR D 116 -0.69 -29.90 -14.56
N VAL D 117 -1.96 -29.61 -14.31
CA VAL D 117 -3.02 -30.49 -14.77
C VAL D 117 -3.71 -29.85 -15.95
N SER D 118 -3.48 -30.42 -17.13
CA SER D 118 -3.98 -29.86 -18.38
C SER D 118 -4.05 -30.96 -19.43
N ALA D 119 -4.97 -30.81 -20.38
CA ALA D 119 -5.09 -31.77 -21.47
C ALA D 119 -4.11 -31.48 -22.63
N ALA D 120 -3.53 -30.28 -22.61
CA ALA D 120 -2.59 -29.87 -23.65
C ALA D 120 -1.35 -30.75 -23.67
N SER D 121 -0.56 -30.67 -24.74
CA SER D 121 0.64 -31.49 -24.80
C SER D 121 1.89 -30.70 -24.47
N THR D 122 2.94 -31.40 -24.08
CA THR D 122 4.23 -30.80 -23.78
C THR D 122 4.81 -30.19 -25.06
N LYS D 123 5.42 -29.01 -24.95
CA LYS D 123 6.05 -28.36 -26.09
C LYS D 123 7.30 -27.58 -25.68
N GLY D 124 8.42 -27.86 -26.35
CA GLY D 124 9.68 -27.21 -26.04
C GLY D 124 9.74 -25.80 -26.60
N PRO D 125 10.49 -24.91 -25.93
CA PRO D 125 10.57 -23.50 -26.30
C PRO D 125 11.52 -23.22 -27.46
N SER D 126 11.30 -22.10 -28.13
CA SER D 126 12.32 -21.49 -28.99
C SER D 126 13.02 -20.39 -28.17
N VAL D 127 14.31 -20.21 -28.41
CA VAL D 127 15.05 -19.20 -27.67
C VAL D 127 15.63 -18.20 -28.63
N PHE D 128 15.26 -16.93 -28.45
CA PHE D 128 15.75 -15.87 -29.32
C PHE D 128 16.55 -14.87 -28.52
N PRO D 129 17.58 -14.26 -29.13
CA PRO D 129 18.41 -13.25 -28.46
C PRO D 129 17.67 -11.93 -28.27
N LEU D 130 17.95 -11.25 -27.17
CA LEU D 130 17.55 -9.87 -26.98
C LEU D 130 18.83 -9.07 -27.00
N ALA D 131 19.13 -8.49 -28.16
CA ALA D 131 20.46 -7.93 -28.41
C ALA D 131 20.47 -6.41 -28.40
N PRO D 132 21.48 -5.83 -27.73
CA PRO D 132 21.69 -4.39 -27.66
C PRO D 132 22.24 -3.84 -28.96
N SER D 133 22.44 -2.52 -29.01
CA SER D 133 23.04 -1.88 -30.19
C SER D 133 24.16 -0.93 -29.79
N GLY D 139 24.38 4.21 -18.92
CA GLY D 139 25.54 4.53 -18.09
C GLY D 139 26.79 3.78 -18.52
N GLY D 140 26.98 3.65 -19.84
CA GLY D 140 27.99 2.77 -20.38
C GLY D 140 27.52 1.34 -20.17
N THR D 141 26.27 1.21 -19.70
CA THR D 141 25.66 -0.07 -19.39
C THR D 141 24.78 -0.55 -20.55
N ALA D 142 24.96 -1.80 -20.93
CA ALA D 142 24.11 -2.40 -21.95
C ALA D 142 23.26 -3.49 -21.32
N ALA D 143 22.05 -3.67 -21.85
CA ALA D 143 21.22 -4.79 -21.45
C ALA D 143 21.20 -5.80 -22.57
N LEU D 144 21.20 -7.07 -22.22
CA LEU D 144 21.00 -8.09 -23.23
C LEU D 144 20.15 -9.16 -22.58
N GLY D 145 19.61 -10.08 -23.38
CA GLY D 145 18.78 -11.11 -22.80
C GLY D 145 18.40 -12.23 -23.74
N CYS D 146 17.58 -13.14 -23.24
CA CYS D 146 17.00 -14.21 -24.05
C CYS D 146 15.49 -14.24 -23.91
N LEU D 147 14.82 -14.33 -25.04
CA LEU D 147 13.38 -14.49 -25.05
C LEU D 147 13.09 -15.97 -25.25
N VAL D 148 12.47 -16.57 -24.23
CA VAL D 148 12.20 -18.00 -24.23
C VAL D 148 10.71 -18.20 -24.49
N LYS D 149 10.38 -18.59 -25.73
CA LYS D 149 9.01 -18.45 -26.25
C LYS D 149 8.33 -19.75 -26.67
N ASP D 150 7.03 -19.82 -26.39
CA ASP D 150 6.12 -20.86 -26.88
C ASP D 150 6.42 -22.25 -26.30
N TYR D 151 6.35 -22.37 -24.98
CA TYR D 151 6.58 -23.65 -24.33
C TYR D 151 5.45 -23.98 -23.39
N PHE D 152 5.35 -25.27 -23.05
CA PHE D 152 4.34 -25.77 -22.13
C PHE D 152 4.75 -27.16 -21.68
N PRO D 153 4.55 -27.47 -20.39
CA PRO D 153 4.05 -26.58 -19.35
C PRO D 153 5.17 -25.76 -18.74
N GLU D 154 4.87 -24.97 -17.72
CA GLU D 154 5.91 -24.37 -16.89
C GLU D 154 6.56 -25.53 -16.14
N PRO D 155 7.78 -25.33 -15.59
CA PRO D 155 8.61 -24.13 -15.64
C PRO D 155 9.79 -24.31 -16.60
N VAL D 156 10.53 -23.25 -16.82
CA VAL D 156 11.84 -23.34 -17.46
C VAL D 156 12.86 -22.74 -16.51
N THR D 157 14.08 -23.25 -16.55
CA THR D 157 15.16 -22.63 -15.80
C THR D 157 16.06 -21.87 -16.76
N VAL D 158 16.47 -20.67 -16.35
CA VAL D 158 17.48 -19.92 -17.07
C VAL D 158 18.62 -19.54 -16.14
N SER D 159 19.84 -19.77 -16.60
CA SER D 159 21.02 -19.26 -15.93
C SER D 159 21.85 -18.54 -16.99
N TRP D 160 22.89 -17.84 -16.56
CA TRP D 160 23.77 -17.13 -17.47
C TRP D 160 25.21 -17.57 -17.25
N ASN D 161 25.90 -17.85 -18.36
CA ASN D 161 27.29 -18.33 -18.30
C ASN D 161 27.45 -19.50 -17.33
N SER D 162 26.52 -20.45 -17.42
CA SER D 162 26.53 -21.65 -16.58
C SER D 162 26.54 -21.34 -15.09
N GLY D 163 25.86 -20.26 -14.71
CA GLY D 163 25.73 -19.90 -13.32
C GLY D 163 26.77 -18.92 -12.82
N ALA D 164 27.83 -18.70 -13.58
CA ALA D 164 28.90 -17.78 -13.18
C ALA D 164 28.44 -16.33 -13.12
N LEU D 165 27.45 -15.99 -13.93
CA LEU D 165 26.97 -14.62 -14.02
C LEU D 165 25.60 -14.50 -13.35
N THR D 166 25.56 -13.84 -12.20
CA THR D 166 24.32 -13.70 -11.44
C THR D 166 24.01 -12.23 -11.19
N SER D 167 25.05 -11.42 -11.07
CA SER D 167 24.89 -10.01 -10.80
C SER D 167 24.13 -9.31 -11.93
N GLY D 168 23.03 -8.66 -11.60
CA GLY D 168 22.26 -7.90 -12.57
C GLY D 168 21.33 -8.75 -13.44
N VAL D 169 21.23 -10.03 -13.13
CA VAL D 169 20.32 -10.92 -13.86
C VAL D 169 18.88 -10.73 -13.35
N HIS D 170 17.93 -10.57 -14.28
CA HIS D 170 16.52 -10.54 -13.93
C HIS D 170 15.78 -11.53 -14.82
N THR D 171 15.24 -12.58 -14.21
CA THR D 171 14.46 -13.53 -14.98
C THR D 171 13.00 -13.31 -14.61
N PHE D 172 12.18 -12.97 -15.61
CA PHE D 172 10.82 -12.53 -15.36
C PHE D 172 9.86 -13.70 -15.19
N PRO D 173 8.75 -13.49 -14.46
CA PRO D 173 7.68 -14.48 -14.45
C PRO D 173 7.21 -14.75 -15.88
N ALA D 174 6.99 -16.02 -16.20
CA ALA D 174 6.40 -16.41 -17.48
C ALA D 174 5.02 -15.78 -17.64
N VAL D 175 4.66 -15.43 -18.86
CA VAL D 175 3.29 -15.03 -19.13
C VAL D 175 2.62 -16.07 -20.00
N LEU D 176 1.34 -16.28 -19.75
CA LEU D 176 0.57 -17.22 -20.55
C LEU D 176 0.02 -16.47 -21.75
N GLN D 177 0.40 -16.90 -22.94
CA GLN D 177 -0.03 -16.20 -24.14
C GLN D 177 -1.43 -16.69 -24.52
N SER D 178 -2.09 -15.92 -25.39
CA SER D 178 -3.43 -16.28 -25.83
C SER D 178 -3.44 -17.65 -26.53
N SER D 179 -2.29 -18.07 -27.04
CA SER D 179 -2.17 -19.39 -27.66
C SER D 179 -2.24 -20.52 -26.64
N GLY D 180 -2.09 -20.19 -25.36
CA GLY D 180 -2.03 -21.19 -24.31
C GLY D 180 -0.61 -21.69 -24.06
N LEU D 181 0.36 -21.09 -24.74
CA LEU D 181 1.78 -21.44 -24.54
C LEU D 181 2.43 -20.34 -23.71
N TYR D 182 3.41 -20.71 -22.89
CA TYR D 182 4.08 -19.72 -22.04
C TYR D 182 5.19 -19.01 -22.81
N SER D 183 5.59 -17.86 -22.28
CA SER D 183 6.75 -17.14 -22.79
C SER D 183 7.41 -16.46 -21.59
N LEU D 184 8.73 -16.37 -21.62
CA LEU D 184 9.50 -15.80 -20.52
C LEU D 184 10.73 -15.05 -21.05
N SER D 185 11.10 -13.96 -20.39
CA SER D 185 12.35 -13.25 -20.72
C SER D 185 13.30 -13.23 -19.53
N SER D 186 14.59 -13.36 -19.82
CA SER D 186 15.63 -13.20 -18.81
C SER D 186 16.61 -12.19 -19.39
N VAL D 187 16.97 -11.17 -18.61
CA VAL D 187 17.88 -10.12 -19.06
C VAL D 187 19.05 -9.98 -18.07
N VAL D 188 20.14 -9.36 -18.52
CA VAL D 188 21.26 -9.01 -17.63
C VAL D 188 21.85 -7.69 -18.14
N THR D 189 22.32 -6.87 -17.21
CA THR D 189 23.03 -5.66 -17.59
C THR D 189 24.52 -5.87 -17.36
N VAL D 190 25.31 -5.46 -18.35
CA VAL D 190 26.76 -5.62 -18.34
C VAL D 190 27.39 -4.32 -18.85
N PRO D 191 28.69 -4.11 -18.56
CA PRO D 191 29.34 -2.93 -19.15
C PRO D 191 29.40 -3.03 -20.68
N SER D 192 29.05 -1.97 -21.40
CA SER D 192 29.03 -2.04 -22.84
C SER D 192 30.41 -2.38 -23.41
N SER D 193 31.48 -1.95 -22.73
CA SER D 193 32.83 -2.19 -23.22
C SER D 193 33.23 -3.66 -23.13
N SER D 194 32.39 -4.47 -22.50
CA SER D 194 32.72 -5.88 -22.34
C SER D 194 32.08 -6.72 -23.44
N LEU D 195 31.20 -6.10 -24.23
CA LEU D 195 30.50 -6.81 -25.30
C LEU D 195 31.42 -7.42 -26.35
N GLY D 196 32.61 -6.85 -26.51
CA GLY D 196 33.56 -7.34 -27.50
C GLY D 196 34.34 -8.56 -27.06
N THR D 197 34.72 -8.59 -25.78
CA THR D 197 35.62 -9.63 -25.29
C THR D 197 34.99 -10.68 -24.40
N GLN D 198 33.89 -10.33 -23.74
CA GLN D 198 33.24 -11.28 -22.85
C GLN D 198 32.12 -12.01 -23.56
N THR D 199 31.97 -13.29 -23.29
CA THR D 199 30.89 -14.06 -23.88
C THR D 199 29.70 -14.17 -22.92
N TYR D 200 28.49 -13.91 -23.44
CA TYR D 200 27.28 -14.00 -22.64
C TYR D 200 26.36 -15.07 -23.21
N ILE D 201 26.15 -16.11 -22.42
CA ILE D 201 25.34 -17.26 -22.85
C ILE D 201 24.19 -17.42 -21.90
N CYS D 202 22.97 -17.57 -22.42
CA CYS D 202 21.89 -17.94 -21.54
C CYS D 202 21.67 -19.43 -21.66
N ASN D 203 21.66 -20.11 -20.52
CA ASN D 203 21.45 -21.54 -20.52
C ASN D 203 20.01 -21.83 -20.19
N VAL D 204 19.29 -22.42 -21.15
CA VAL D 204 17.87 -22.62 -21.01
C VAL D 204 17.60 -24.11 -20.90
N ASN D 205 16.78 -24.48 -19.92
CA ASN D 205 16.43 -25.87 -19.74
C ASN D 205 14.93 -26.00 -19.47
N HIS D 206 14.25 -26.64 -20.41
CA HIS D 206 12.85 -26.96 -20.22
C HIS D 206 12.74 -28.46 -19.99
N LYS D 207 12.80 -28.85 -18.72
CA LYS D 207 12.80 -30.27 -18.39
C LYS D 207 11.61 -31.09 -18.92
N PRO D 208 10.38 -30.55 -18.84
CA PRO D 208 9.25 -31.35 -19.35
C PRO D 208 9.42 -31.84 -20.78
N SER D 209 10.09 -31.06 -21.62
CA SER D 209 10.29 -31.44 -23.02
C SER D 209 11.69 -31.96 -23.28
N ASN D 210 12.51 -32.09 -22.23
CA ASN D 210 13.94 -32.37 -22.40
C ASN D 210 14.62 -31.43 -23.39
N THR D 211 14.35 -30.13 -23.29
CA THR D 211 15.00 -29.17 -24.15
C THR D 211 16.06 -28.38 -23.39
N LYS D 212 17.30 -28.50 -23.84
CA LYS D 212 18.38 -27.67 -23.32
C LYS D 212 19.02 -26.86 -24.46
N VAL D 213 19.08 -25.55 -24.29
CA VAL D 213 19.65 -24.67 -25.29
C VAL D 213 20.60 -23.67 -24.64
N ASP D 214 21.82 -23.57 -25.18
CA ASP D 214 22.74 -22.51 -24.77
C ASP D 214 22.79 -21.48 -25.91
N LYS D 215 22.31 -20.28 -25.66
CA LYS D 215 22.32 -19.25 -26.69
C LYS D 215 23.27 -18.12 -26.32
N ARG D 216 24.29 -17.89 -27.15
CA ARG D 216 25.11 -16.70 -26.98
C ARG D 216 24.31 -15.49 -27.44
N VAL D 217 24.39 -14.39 -26.70
CA VAL D 217 23.70 -13.17 -27.07
C VAL D 217 24.71 -12.05 -27.24
N GLU D 218 24.73 -11.43 -28.43
CA GLU D 218 25.63 -10.30 -28.70
C GLU D 218 24.94 -9.29 -29.61
N PRO D 219 25.41 -8.04 -29.61
CA PRO D 219 24.76 -7.09 -30.51
C PRO D 219 24.92 -7.55 -31.97
N LYS D 220 23.92 -7.28 -32.80
CA LYS D 220 23.92 -7.75 -34.17
C LYS D 220 24.87 -6.94 -35.05
N CYS E 1 5.04 8.59 10.29
CA CYS E 1 3.66 8.93 9.99
C CYS E 1 3.04 9.74 11.13
N GLN E 2 2.53 10.93 10.82
CA GLN E 2 2.01 11.82 11.85
C GLN E 2 0.78 12.61 11.44
N TYR E 3 0.08 13.13 12.44
CA TYR E 3 -1.14 13.90 12.21
C TYR E 3 -0.81 15.25 11.57
N ASN E 4 -1.57 15.61 10.54
CA ASN E 4 -1.33 16.83 9.77
C ASN E 4 -2.46 17.83 10.03
N LEU E 5 -2.10 19.06 10.41
CA LEU E 5 -3.10 20.02 10.87
C LEU E 5 -3.90 20.70 9.76
N SER E 6 -3.36 20.70 8.54
CA SER E 6 -4.02 21.27 7.37
C SER E 6 -5.02 20.29 6.74
N SER E 7 -4.60 19.04 6.56
CA SER E 7 -5.46 18.01 6.01
C SER E 7 -6.33 17.36 7.08
N ARG E 8 -5.96 17.52 8.35
CA ARG E 8 -6.68 16.94 9.50
C ARG E 8 -6.84 15.42 9.43
N ALA E 9 -5.73 14.74 9.16
CA ALA E 9 -5.68 13.30 9.01
C ALA E 9 -4.20 12.91 9.12
N LEU E 10 -3.93 11.63 9.33
CA LEU E 10 -2.54 11.17 9.36
C LEU E 10 -1.87 11.42 8.00
N LYS E 11 -0.60 11.82 8.03
CA LYS E 11 0.15 12.20 6.84
C LYS E 11 1.43 11.38 6.71
N CYS E 12 1.32 10.18 6.16
CA CYS E 12 2.47 9.28 6.07
C CYS E 12 3.40 9.62 4.91
N CYS F 1 -4.67 -12.13 -0.82
CA CYS F 1 -3.64 -12.61 -1.73
C CYS F 1 -3.82 -14.09 -2.04
N GLN F 2 -3.10 -14.54 -3.07
CA GLN F 2 -3.01 -15.96 -3.39
C GLN F 2 -1.61 -16.27 -3.93
N TYR F 3 -1.24 -17.54 -3.91
CA TYR F 3 0.09 -17.91 -4.39
C TYR F 3 0.12 -18.11 -5.91
N ASN F 4 1.01 -17.36 -6.56
CA ASN F 4 1.14 -17.36 -8.01
C ASN F 4 2.25 -18.32 -8.45
N LEU F 5 1.90 -19.26 -9.32
CA LEU F 5 2.83 -20.32 -9.71
C LEU F 5 3.86 -19.88 -10.76
N SER F 6 3.69 -18.67 -11.31
CA SER F 6 4.63 -18.13 -12.30
C SER F 6 5.70 -17.25 -11.66
N SER F 7 5.28 -16.37 -10.75
CA SER F 7 6.22 -15.55 -10.01
C SER F 7 6.76 -16.29 -8.77
N ARG F 8 6.13 -17.41 -8.44
CA ARG F 8 6.45 -18.19 -7.23
C ARG F 8 6.55 -17.34 -5.96
N ALA F 9 5.49 -16.57 -5.72
CA ALA F 9 5.35 -15.74 -4.53
C ALA F 9 3.88 -15.35 -4.39
N LEU F 10 3.49 -14.83 -3.23
CA LEU F 10 2.12 -14.31 -3.05
C LEU F 10 1.87 -13.16 -4.04
N LYS F 11 0.73 -13.19 -4.72
CA LYS F 11 0.36 -12.10 -5.64
C LYS F 11 -0.91 -11.42 -5.17
N CYS F 12 -0.88 -10.09 -5.12
CA CYS F 12 -1.98 -9.32 -4.57
C CYS F 12 -2.44 -8.22 -5.54
P PO4 G . -21.16 4.48 10.08
O1 PO4 G . -21.64 3.54 9.00
O2 PO4 G . -22.18 4.59 11.19
O3 PO4 G . -19.84 3.94 10.58
O4 PO4 G . -20.94 5.87 9.51
P PO4 H . 19.34 -14.43 6.46
O1 PO4 H . 19.97 -15.62 7.16
O2 PO4 H . 17.91 -14.22 6.93
O3 PO4 H . 20.14 -13.20 6.78
O4 PO4 H . 19.37 -14.73 4.99
P PO4 I . -3.79 -2.36 -23.57
O1 PO4 I . -2.62 -2.88 -24.40
O2 PO4 I . -4.86 -3.44 -23.47
O3 PO4 I . -3.31 -2.01 -22.18
O4 PO4 I . -4.41 -1.13 -24.22
#